data_7KDF
#
_entry.id   7KDF
#
_cell.length_a   170.886
_cell.length_b   183.175
_cell.length_c   124.317
_cell.angle_alpha   90.000
_cell.angle_beta   90.000
_cell.angle_gamma   90.000
#
_symmetry.space_group_name_H-M   'C 2 2 21'
#
loop_
_entity.id
_entity.type
_entity.pdbx_description
1 polymer 'NDC80 isoform 1,NDC80 isoform 1'
2 polymer 'NUF2 isoform 1,NUF2 isoform 1'
3 polymer Spc24
4 polymer 'SPC25 isoform 1,SPC25 isoform 1'
5 polymer STU2
6 non-polymer 'SULFATE ION'
7 water water
#
loop_
_entity_poly.entity_id
_entity_poly.type
_entity_poly.pdbx_seq_one_letter_code
_entity_poly.pdbx_strand_id
1 'polypeptide(L)'
;SNARDPRPLRDKNFQSAIQEEIYDYLKKNKFDIETNHPISIKFLKQPTQKGFIIIFKWLYLRLDPGYGFTKSIENEIYQI
LKNLRYPFLESINKSQISAVGGSNWHKFLGMLHWMVRTNIKLDMCLNKVDRSLINQNTQEITILSQPLKTLDEQDQRQER
YELMVEKLLIDYFTESYKSFLKLEDNYEPSMQELKLGFEKFVHIINTDVTSTELKLEELKVDLNRKRYKLHQQVIHVIDI
TSKFKINIQSSLENSENELGNVIEELRNLEFETEHNV
;
A
2 'polypeptide(L)'
;SNASIFKDLEALSFQSNASRNQDVFPILDLQELVICLQSCDFALATQENISRPTSDYMVTLYKQIIENFMGISVESLLNS
SNQETGDGHLQEENENIYLDTLNVLVLNKICFKFFENIGVQDFNMTDLYKPEAQRTQRLLSAVVNYARFREERMFDCNSF
ILQMESLLGQINKLNDEIKQLQKDFEVEVKEIEIEYSLLSGHINKYMNEMLEYMQ
;
B
3 'polypeptide(L)'
;MSQKDNLLDNPVEFLKEVRESFDIQQDVDAMKRIRHDLDVIKEESEARLKLYRSLGVILDLENDQVLINRKNDGNIDILP
LDNNLSDFYKTKYIWERLGK
;
C
4 'polypeptide(L)'
;MASIDAFSDLERRMDGFQKDVAQVLARQQNHVALYERLLQLRVLPGASDVHDVRFVFGDDSRCWIEVAMHGDHVIGNSHP
ALDPKSRATLEHVLTVQGDLAAFLVVARDMLLASL
;
D
5 'polypeptide(L)' EESYKRAAAVTSTLKARIEK(MSE)KAKSRREGTTRT E
#
# COMPACT_ATOMS: atom_id res chain seq x y z
N ALA A 3 -35.85 -43.23 11.31
CA ALA A 3 -37.11 -43.95 11.12
C ALA A 3 -37.50 -44.71 12.38
N ARG A 4 -36.50 -45.12 13.15
CA ARG A 4 -36.71 -45.88 14.38
C ARG A 4 -36.01 -45.18 15.53
N ASP A 5 -36.57 -45.37 16.73
CA ASP A 5 -36.00 -44.74 17.93
C ASP A 5 -34.78 -45.51 18.39
N PRO A 6 -33.59 -44.90 18.40
CA PRO A 6 -32.39 -45.64 18.80
C PRO A 6 -32.31 -45.91 20.30
N ARG A 7 -33.11 -45.22 21.11
CA ARG A 7 -33.06 -45.43 22.55
C ARG A 7 -33.60 -46.82 22.90
N PRO A 8 -32.99 -47.50 23.87
CA PRO A 8 -33.51 -48.82 24.30
C PRO A 8 -34.73 -48.67 25.21
N LEU A 9 -35.87 -48.37 24.60
CA LEU A 9 -37.05 -48.03 25.41
C LEU A 9 -37.55 -49.24 26.18
N ARG A 10 -37.39 -50.44 25.63
CA ARG A 10 -37.90 -51.64 26.30
C ARG A 10 -37.04 -52.05 27.49
N ASP A 11 -35.75 -51.69 27.47
CA ASP A 11 -34.84 -52.02 28.57
C ASP A 11 -35.39 -51.53 29.90
N LYS A 12 -35.52 -52.46 30.84
CA LYS A 12 -36.13 -52.12 32.14
C LYS A 12 -35.21 -51.27 32.99
N ASN A 13 -33.89 -51.44 32.86
CA ASN A 13 -32.96 -50.57 33.56
C ASN A 13 -33.08 -49.13 33.04
N PHE A 14 -33.14 -48.98 31.72
CA PHE A 14 -33.33 -47.67 31.12
C PHE A 14 -34.63 -47.04 31.59
N GLN A 15 -35.71 -47.83 31.61
CA GLN A 15 -36.98 -47.30 32.10
C GLN A 15 -36.89 -46.91 33.57
N SER A 16 -36.18 -47.71 34.37
CA SER A 16 -35.99 -47.34 35.78
C SER A 16 -35.22 -46.04 35.90
N ALA A 17 -34.19 -45.86 35.06
CA ALA A 17 -33.38 -44.64 35.12
C ALA A 17 -34.21 -43.41 34.76
N ILE A 18 -34.86 -43.44 33.59
CA ILE A 18 -35.54 -42.23 33.13
C ILE A 18 -36.76 -41.93 33.99
N GLN A 19 -37.35 -42.95 34.62
CA GLN A 19 -38.42 -42.69 35.58
C GLN A 19 -37.90 -41.85 36.74
N GLU A 20 -36.71 -42.17 37.25
CA GLU A 20 -36.12 -41.36 38.32
C GLU A 20 -35.83 -39.94 37.83
N GLU A 21 -35.25 -39.81 36.64
CA GLU A 21 -34.88 -38.48 36.13
C GLU A 21 -36.11 -37.63 35.88
N ILE A 22 -37.18 -38.20 35.33
CA ILE A 22 -38.43 -37.46 35.17
C ILE A 22 -39.00 -37.09 36.54
N TYR A 23 -39.03 -38.06 37.45
CA TYR A 23 -39.56 -37.80 38.78
C TYR A 23 -38.76 -36.72 39.50
N ASP A 24 -37.43 -36.80 39.41
CA ASP A 24 -36.58 -35.85 40.13
C ASP A 24 -36.84 -34.42 39.65
N TYR A 25 -36.87 -34.22 38.33
CA TYR A 25 -37.08 -32.89 37.80
C TYR A 25 -38.45 -32.34 38.16
N LEU A 26 -39.49 -33.17 38.06
CA LEU A 26 -40.84 -32.71 38.36
C LEU A 26 -40.98 -32.34 39.83
N LYS A 27 -40.48 -33.20 40.73
CA LYS A 27 -40.55 -32.91 42.15
C LYS A 27 -39.77 -31.66 42.50
N LYS A 28 -38.56 -31.52 41.94
CA LYS A 28 -37.71 -30.38 42.26
C LYS A 28 -38.35 -29.07 41.81
N ASN A 29 -39.05 -29.08 40.68
CA ASN A 29 -39.62 -27.87 40.11
C ASN A 29 -41.08 -27.68 40.47
N LYS A 30 -41.52 -28.30 41.56
CA LYS A 30 -42.81 -27.99 42.18
C LYS A 30 -43.99 -28.41 41.31
N PHE A 31 -43.81 -29.44 40.50
CA PHE A 31 -44.90 -29.91 39.64
C PHE A 31 -46.10 -30.34 40.47
N ASP A 32 -45.87 -31.17 41.49
CA ASP A 32 -46.94 -31.68 42.33
C ASP A 32 -47.58 -30.60 43.19
N ILE A 33 -47.04 -29.39 43.15
CA ILE A 33 -47.58 -28.26 43.91
C ILE A 33 -48.29 -27.27 43.00
N GLU A 34 -47.69 -26.93 41.85
CA GLU A 34 -48.31 -26.03 40.90
C GLU A 34 -49.62 -26.62 40.36
N THR A 35 -49.62 -27.91 40.05
CA THR A 35 -50.84 -28.67 39.84
C THR A 35 -50.99 -29.65 40.99
N ASN A 36 -52.23 -29.88 41.41
CA ASN A 36 -52.46 -30.69 42.60
C ASN A 36 -52.09 -32.16 42.40
N HIS A 37 -51.83 -32.59 41.17
CA HIS A 37 -51.52 -33.98 40.89
C HIS A 37 -50.16 -34.36 41.48
N PRO A 38 -50.11 -35.33 42.38
CA PRO A 38 -48.81 -35.76 42.92
C PRO A 38 -48.03 -36.58 41.90
N ILE A 39 -46.72 -36.58 42.05
CA ILE A 39 -45.82 -37.31 41.15
C ILE A 39 -45.09 -38.37 41.96
N SER A 40 -44.90 -39.53 41.35
CA SER A 40 -44.30 -40.67 42.02
C SER A 40 -43.66 -41.59 40.99
N ILE A 41 -42.66 -42.35 41.43
CA ILE A 41 -42.05 -43.36 40.55
C ILE A 41 -43.10 -44.37 40.13
N LYS A 42 -44.00 -44.73 41.04
CA LYS A 42 -45.05 -45.69 40.70
C LYS A 42 -45.95 -45.16 39.59
N PHE A 43 -46.31 -43.87 39.65
CA PHE A 43 -47.19 -43.33 38.63
C PHE A 43 -46.53 -43.39 37.25
N LEU A 44 -45.25 -43.02 37.17
CA LEU A 44 -44.55 -43.16 35.91
C LEU A 44 -44.32 -44.62 35.54
N LYS A 45 -44.46 -45.54 36.50
CA LYS A 45 -44.38 -46.96 36.17
C LYS A 45 -45.54 -47.37 35.29
N GLN A 46 -46.77 -47.12 35.74
CA GLN A 46 -47.94 -47.25 34.88
C GLN A 46 -48.92 -46.10 35.18
N PRO A 47 -49.09 -45.16 34.24
CA PRO A 47 -49.87 -43.94 34.54
C PRO A 47 -51.33 -44.01 34.13
N THR A 48 -52.07 -42.97 34.54
CA THR A 48 -53.40 -42.69 34.02
C THR A 48 -53.30 -41.71 32.86
N GLN A 49 -54.26 -41.80 31.93
CA GLN A 49 -54.26 -40.89 30.80
C GLN A 49 -54.42 -39.44 31.26
N LYS A 50 -55.29 -39.21 32.25
CA LYS A 50 -55.48 -37.85 32.77
C LYS A 50 -54.17 -37.28 33.30
N GLY A 51 -53.44 -38.08 34.09
CA GLY A 51 -52.20 -37.59 34.67
C GLY A 51 -51.08 -37.42 33.66
N PHE A 52 -51.09 -38.22 32.59
CA PHE A 52 -50.07 -38.05 31.56
C PHE A 52 -50.23 -36.70 30.86
N ILE A 53 -51.47 -36.35 30.50
CA ILE A 53 -51.72 -35.09 29.83
C ILE A 53 -51.34 -33.92 30.74
N ILE A 54 -51.60 -34.07 32.04
CA ILE A 54 -51.16 -33.04 32.99
C ILE A 54 -49.65 -32.87 32.94
N ILE A 55 -48.91 -33.98 32.91
CA ILE A 55 -47.45 -33.89 32.86
C ILE A 55 -46.99 -33.31 31.54
N PHE A 56 -47.57 -33.78 30.42
CA PHE A 56 -47.17 -33.26 29.12
C PHE A 56 -47.46 -31.76 29.03
N LYS A 57 -48.67 -31.36 29.41
CA LYS A 57 -49.02 -29.94 29.35
C LYS A 57 -48.09 -29.13 30.25
N TRP A 58 -47.81 -29.63 31.45
CA TRP A 58 -46.95 -28.89 32.37
C TRP A 58 -45.55 -28.72 31.82
N LEU A 59 -45.00 -29.75 31.17
CA LEU A 59 -43.67 -29.64 30.61
C LEU A 59 -43.65 -28.70 29.41
N TYR A 60 -44.61 -28.86 28.49
CA TYR A 60 -44.58 -28.05 27.29
C TYR A 60 -44.75 -26.57 27.60
N LEU A 61 -45.58 -26.25 28.58
CA LEU A 61 -45.73 -24.85 28.97
C LEU A 61 -44.43 -24.26 29.50
N ARG A 62 -43.58 -25.10 30.09
CA ARG A 62 -42.25 -24.62 30.47
C ARG A 62 -41.38 -24.36 29.26
N LEU A 63 -41.66 -25.01 28.13
CA LEU A 63 -40.94 -24.75 26.89
C LEU A 63 -41.55 -23.60 26.09
N ASP A 64 -42.85 -23.38 26.21
CA ASP A 64 -43.60 -22.49 25.32
C ASP A 64 -44.75 -21.87 26.10
N PRO A 65 -44.44 -20.97 27.04
CA PRO A 65 -45.47 -20.55 28.01
C PRO A 65 -46.70 -19.89 27.40
N GLY A 66 -46.57 -19.26 26.24
CA GLY A 66 -47.72 -18.61 25.64
C GLY A 66 -48.66 -19.52 24.88
N TYR A 67 -48.38 -20.82 24.82
CA TYR A 67 -49.19 -21.72 24.01
C TYR A 67 -50.58 -21.89 24.60
N GLY A 68 -51.58 -21.87 23.73
CA GLY A 68 -52.96 -22.06 24.14
C GLY A 68 -53.45 -23.44 23.82
N PHE A 69 -53.58 -24.28 24.84
CA PHE A 69 -53.96 -25.66 24.63
C PHE A 69 -55.43 -25.77 24.22
N THR A 70 -55.72 -26.68 23.30
CA THR A 70 -57.07 -26.84 22.83
C THR A 70 -57.90 -27.60 23.86
N LYS A 71 -59.17 -27.82 23.53
CA LYS A 71 -60.10 -28.46 24.44
C LYS A 71 -59.78 -29.95 24.64
N SER A 72 -59.05 -30.56 23.71
CA SER A 72 -58.76 -32.00 23.74
C SER A 72 -57.29 -32.18 23.38
N ILE A 73 -56.43 -32.19 24.41
CA ILE A 73 -54.99 -32.09 24.19
C ILE A 73 -54.46 -33.23 23.33
N GLU A 74 -55.14 -34.38 23.36
CA GLU A 74 -54.69 -35.54 22.59
C GLU A 74 -54.58 -35.23 21.10
N ASN A 75 -55.39 -34.30 20.59
CA ASN A 75 -55.41 -34.04 19.15
C ASN A 75 -54.30 -33.10 18.70
N GLU A 76 -53.52 -32.53 19.60
CA GLU A 76 -52.46 -31.61 19.21
C GLU A 76 -51.07 -32.04 19.68
N ILE A 77 -50.95 -33.13 20.43
CA ILE A 77 -49.62 -33.58 20.87
C ILE A 77 -48.72 -33.85 19.68
N TYR A 78 -49.23 -34.51 18.64
CA TYR A 78 -48.41 -34.80 17.48
C TYR A 78 -47.92 -33.52 16.81
N GLN A 79 -48.82 -32.55 16.63
CA GLN A 79 -48.42 -31.30 15.99
C GLN A 79 -47.41 -30.55 16.84
N ILE A 80 -47.60 -30.57 18.16
CA ILE A 80 -46.65 -29.91 19.07
C ILE A 80 -45.27 -30.52 18.90
N LEU A 81 -45.19 -31.86 18.86
CA LEU A 81 -43.89 -32.51 18.70
C LEU A 81 -43.30 -32.23 17.32
N LYS A 82 -44.15 -32.12 16.29
CA LYS A 82 -43.65 -31.79 14.96
C LYS A 82 -43.00 -30.41 14.95
N ASN A 83 -43.66 -29.43 15.58
CA ASN A 83 -43.08 -28.10 15.69
C ASN A 83 -41.83 -28.11 16.57
N LEU A 84 -41.86 -28.88 17.66
CA LEU A 84 -40.68 -29.05 18.49
C LEU A 84 -39.56 -29.73 17.75
N ARG A 85 -39.86 -30.34 16.60
CA ARG A 85 -38.90 -31.12 15.82
C ARG A 85 -38.34 -32.27 16.65
N TYR A 86 -39.23 -32.94 17.37
CA TYR A 86 -38.97 -34.18 18.07
C TYR A 86 -38.23 -35.15 17.16
N PRO A 87 -36.99 -35.54 17.49
CA PRO A 87 -36.23 -36.39 16.57
C PRO A 87 -36.81 -37.79 16.40
N PHE A 88 -37.66 -38.25 17.31
CA PHE A 88 -38.26 -39.58 17.24
C PHE A 88 -39.74 -39.51 16.90
N LEU A 89 -40.11 -38.55 16.05
CA LEU A 89 -41.52 -38.38 15.70
C LEU A 89 -42.04 -39.54 14.87
N GLU A 90 -41.27 -39.99 13.87
CA GLU A 90 -41.74 -41.05 12.98
C GLU A 90 -42.08 -42.32 13.74
N SER A 91 -41.38 -42.60 14.84
CA SER A 91 -41.57 -43.83 15.59
C SER A 91 -42.86 -43.85 16.40
N ILE A 92 -43.64 -42.77 16.41
CA ILE A 92 -44.86 -42.68 17.21
C ILE A 92 -46.03 -42.47 16.27
N ASN A 93 -47.02 -43.37 16.36
CA ASN A 93 -48.20 -43.30 15.51
C ASN A 93 -49.31 -42.51 16.21
N LYS A 94 -50.01 -41.68 15.43
CA LYS A 94 -50.99 -40.76 15.98
C LYS A 94 -52.15 -41.47 16.66
N SER A 95 -52.39 -42.74 16.35
CA SER A 95 -53.53 -43.45 16.91
C SER A 95 -53.31 -43.80 18.38
N GLN A 96 -52.06 -44.07 18.79
CA GLN A 96 -51.82 -44.51 20.16
C GLN A 96 -51.73 -43.36 21.17
N ILE A 97 -51.74 -42.11 20.73
CA ILE A 97 -51.76 -41.02 21.69
C ILE A 97 -53.06 -41.00 22.48
N SER A 98 -54.12 -41.61 21.95
CA SER A 98 -55.42 -41.59 22.62
C SER A 98 -55.37 -42.28 23.97
N ALA A 99 -54.72 -43.44 24.05
CA ALA A 99 -54.57 -44.20 25.29
C ALA A 99 -53.11 -44.62 25.40
N VAL A 100 -52.31 -43.79 26.06
CA VAL A 100 -50.87 -44.04 26.12
C VAL A 100 -50.50 -45.09 27.16
N GLY A 101 -51.40 -45.39 28.10
CA GLY A 101 -51.08 -46.32 29.16
C GLY A 101 -51.01 -47.77 28.74
N GLY A 102 -51.26 -48.07 27.47
CA GLY A 102 -51.27 -49.45 27.00
C GLY A 102 -49.90 -50.04 26.77
N SER A 103 -49.79 -50.88 25.74
CA SER A 103 -48.52 -51.55 25.46
C SER A 103 -47.45 -50.58 24.96
N ASN A 104 -47.87 -49.47 24.34
CA ASN A 104 -46.95 -48.52 23.74
C ASN A 104 -46.49 -47.43 24.71
N TRP A 105 -46.66 -47.64 26.02
CA TRP A 105 -46.31 -46.61 26.99
C TRP A 105 -44.82 -46.28 26.95
N HIS A 106 -43.98 -47.23 26.55
CA HIS A 106 -42.53 -46.99 26.55
C HIS A 106 -42.17 -45.84 25.61
N LYS A 107 -42.87 -45.74 24.46
CA LYS A 107 -42.60 -44.65 23.53
C LYS A 107 -42.94 -43.29 24.14
N PHE A 108 -43.93 -43.24 25.01
CA PHE A 108 -44.33 -41.98 25.62
C PHE A 108 -43.57 -41.67 26.89
N LEU A 109 -43.13 -42.70 27.63
CA LEU A 109 -42.17 -42.47 28.69
C LEU A 109 -40.88 -41.88 28.15
N GLY A 110 -40.40 -42.42 27.03
CA GLY A 110 -39.22 -41.86 26.40
C GLY A 110 -39.43 -40.46 25.88
N MET A 111 -40.65 -40.18 25.40
CA MET A 111 -40.98 -38.82 24.97
C MET A 111 -40.97 -37.85 26.15
N LEU A 112 -41.53 -38.26 27.29
CA LEU A 112 -41.51 -37.40 28.47
C LEU A 112 -40.08 -37.13 28.94
N HIS A 113 -39.22 -38.15 28.92
CA HIS A 113 -37.85 -37.94 29.35
C HIS A 113 -37.13 -36.97 28.42
N TRP A 114 -37.36 -37.09 27.11
CA TRP A 114 -36.76 -36.16 26.16
C TRP A 114 -37.22 -34.73 26.43
N MET A 115 -38.50 -34.55 26.78
CA MET A 115 -38.99 -33.21 27.12
C MET A 115 -38.29 -32.67 28.35
N VAL A 116 -38.10 -33.52 29.36
CA VAL A 116 -37.39 -33.07 30.57
C VAL A 116 -35.98 -32.62 30.20
N ARG A 117 -35.29 -33.40 29.37
CA ARG A 117 -33.94 -33.03 28.97
C ARG A 117 -33.94 -31.75 28.13
N THR A 118 -34.94 -31.60 27.25
CA THR A 118 -35.04 -30.36 26.48
C THR A 118 -35.27 -29.17 27.40
N ASN A 119 -36.15 -29.34 28.38
CA ASN A 119 -36.41 -28.28 29.35
C ASN A 119 -35.14 -27.89 30.08
N ILE A 120 -34.38 -28.88 30.56
CA ILE A 120 -33.14 -28.62 31.26
C ILE A 120 -32.18 -27.85 30.37
N LYS A 121 -32.05 -28.29 29.11
CA LYS A 121 -31.10 -27.65 28.21
C LYS A 121 -31.59 -26.28 27.75
N LEU A 122 -32.90 -26.11 27.58
CA LEU A 122 -33.42 -24.81 27.14
C LEU A 122 -33.11 -23.72 28.17
N ASP A 123 -33.28 -24.04 29.45
CA ASP A 123 -32.97 -23.07 30.50
C ASP A 123 -31.52 -22.61 30.42
N MET A 124 -30.59 -23.52 30.16
CA MET A 124 -29.21 -23.11 30.02
C MET A 124 -29.02 -22.24 28.77
N CYS A 125 -29.69 -22.59 27.67
CA CYS A 125 -29.58 -21.77 26.46
C CYS A 125 -30.04 -20.34 26.73
N LEU A 126 -31.24 -20.21 27.30
CA LEU A 126 -31.80 -18.88 27.55
C LEU A 126 -30.93 -18.09 28.52
N ASN A 127 -30.33 -18.76 29.50
CA ASN A 127 -29.39 -18.08 30.38
C ASN A 127 -28.20 -17.51 29.60
N LYS A 128 -27.65 -18.29 28.67
CA LYS A 128 -26.56 -17.78 27.85
C LYS A 128 -27.03 -16.65 26.95
N VAL A 129 -28.27 -16.74 26.45
CA VAL A 129 -28.82 -15.66 25.64
C VAL A 129 -28.94 -14.39 26.46
N ASP A 130 -29.46 -14.51 27.70
CA ASP A 130 -29.57 -13.37 28.58
C ASP A 130 -28.22 -12.69 28.78
N ARG A 131 -27.20 -13.48 29.09
CA ARG A 131 -25.86 -12.92 29.28
C ARG A 131 -25.35 -12.26 28.00
N SER A 132 -25.66 -12.84 26.85
CA SER A 132 -25.23 -12.24 25.59
C SER A 132 -25.86 -10.87 25.40
N LEU A 133 -27.15 -10.71 25.74
CA LEU A 133 -27.81 -9.42 25.61
C LEU A 133 -27.10 -8.36 26.44
N ILE A 134 -26.78 -8.69 27.70
CA ILE A 134 -26.03 -7.78 28.55
C ILE A 134 -24.69 -7.43 27.90
N ASN A 135 -24.00 -8.44 27.37
CA ASN A 135 -22.70 -8.21 26.76
C ASN A 135 -22.82 -7.32 25.52
N GLN A 136 -23.83 -7.56 24.68
CA GLN A 136 -24.00 -6.78 23.47
C GLN A 136 -24.38 -5.34 23.76
N ASN A 137 -24.92 -5.05 24.95
CA ASN A 137 -25.28 -3.68 25.27
C ASN A 137 -24.06 -2.80 25.49
N THR A 138 -22.87 -3.37 25.59
CA THR A 138 -21.67 -2.59 25.90
C THR A 138 -20.58 -2.67 24.85
N GLN A 139 -20.85 -3.35 23.73
CA GLN A 139 -19.77 -3.69 22.82
C GLN A 139 -19.16 -2.41 22.22
N GLU A 140 -20.05 -1.50 21.82
CA GLU A 140 -19.68 -0.29 21.12
C GLU A 140 -18.82 0.60 21.98
N ILE A 141 -19.28 0.92 23.19
CA ILE A 141 -18.48 1.80 24.03
C ILE A 141 -17.16 1.13 24.36
N THR A 142 -17.15 -0.20 24.41
CA THR A 142 -15.89 -0.91 24.67
C THR A 142 -14.98 -0.84 23.45
N ILE A 143 -15.52 -1.06 22.26
CA ILE A 143 -14.70 -0.96 21.04
C ILE A 143 -14.33 0.49 20.77
N LEU A 144 -15.27 1.42 20.89
CA LEU A 144 -14.99 2.80 20.55
C LEU A 144 -14.00 3.44 21.52
N SER A 145 -13.88 2.93 22.74
CA SER A 145 -12.93 3.46 23.71
C SER A 145 -11.60 2.71 23.70
N GLN A 146 -11.39 1.80 22.75
CA GLN A 146 -10.08 1.21 22.57
C GLN A 146 -9.13 2.27 22.01
N PRO A 147 -7.81 2.05 22.17
CA PRO A 147 -6.83 2.95 21.51
C PRO A 147 -7.15 3.19 20.05
N LEU A 148 -7.26 4.47 19.67
CA LEU A 148 -7.81 4.85 18.37
C LEU A 148 -6.79 4.62 17.27
N LYS A 149 -7.26 4.08 16.14
CA LYS A 149 -6.46 3.84 14.96
C LYS A 149 -6.79 4.85 13.87
N THR A 150 -5.91 4.96 12.89
CA THR A 150 -6.14 5.90 11.79
C THR A 150 -7.30 5.43 10.92
N LEU A 151 -7.88 6.39 10.17
CA LEU A 151 -9.08 6.12 9.39
C LEU A 151 -8.88 5.02 8.36
N ASP A 152 -7.63 4.76 7.96
CA ASP A 152 -7.36 3.73 6.96
C ASP A 152 -7.73 2.34 7.45
N GLU A 153 -7.88 2.15 8.77
CA GLU A 153 -8.26 0.85 9.30
C GLU A 153 -9.49 0.88 10.22
N GLN A 154 -10.14 2.05 10.37
CA GLN A 154 -11.44 2.08 11.03
C GLN A 154 -12.23 3.28 10.47
N ASP A 155 -13.07 3.01 9.47
CA ASP A 155 -14.03 3.98 8.97
C ASP A 155 -15.47 3.64 9.32
N GLN A 156 -15.77 2.36 9.53
CA GLN A 156 -17.05 1.89 10.07
C GLN A 156 -17.28 2.37 11.49
N ARG A 157 -16.34 3.12 12.05
CA ARG A 157 -16.51 3.72 13.37
C ARG A 157 -17.79 4.53 13.44
N GLN A 158 -18.14 5.25 12.37
CA GLN A 158 -19.34 6.07 12.39
C GLN A 158 -20.59 5.23 12.60
N GLU A 159 -20.69 4.10 11.90
CA GLU A 159 -21.85 3.24 12.07
C GLU A 159 -21.91 2.67 13.48
N ARG A 160 -20.75 2.46 14.11
CA ARG A 160 -20.74 2.00 15.50
C ARG A 160 -21.30 3.07 16.42
N TYR A 161 -20.93 4.34 16.19
CA TYR A 161 -21.51 5.42 16.99
C TYR A 161 -23.02 5.50 16.79
N GLU A 162 -23.47 5.40 15.54
CA GLU A 162 -24.89 5.52 15.26
C GLU A 162 -25.67 4.38 15.89
N LEU A 163 -25.09 3.18 15.90
CA LEU A 163 -25.75 2.05 16.55
C LEU A 163 -25.88 2.29 18.05
N MET A 164 -24.84 2.85 18.67
CA MET A 164 -24.90 3.13 20.11
C MET A 164 -26.01 4.12 20.44
N VAL A 165 -26.17 5.17 19.62
CA VAL A 165 -27.23 6.14 19.86
C VAL A 165 -28.59 5.50 19.56
N GLU A 166 -28.66 4.66 18.54
CA GLU A 166 -29.91 3.98 18.22
CA GLU A 166 -29.93 4.01 18.24
C GLU A 166 -30.35 3.07 19.36
N LYS A 167 -29.41 2.38 19.99
CA LYS A 167 -29.75 1.52 21.12
C LYS A 167 -30.26 2.33 22.30
N LEU A 168 -29.80 3.57 22.46
CA LEU A 168 -30.31 4.41 23.53
C LEU A 168 -31.76 4.79 23.27
N LEU A 169 -32.07 5.18 22.03
CA LEU A 169 -33.44 5.51 21.68
C LEU A 169 -34.34 4.29 21.77
N ILE A 170 -33.84 3.12 21.35
CA ILE A 170 -34.63 1.89 21.48
C ILE A 170 -34.99 1.64 22.93
N ASP A 171 -34.05 1.88 23.85
CA ASP A 171 -34.36 1.75 25.27
C ASP A 171 -35.45 2.73 25.68
N TYR A 172 -35.34 3.98 25.24
CA TYR A 172 -36.30 4.99 25.66
C TYR A 172 -37.70 4.63 25.23
N PHE A 173 -37.88 4.33 23.94
CA PHE A 173 -39.23 4.12 23.40
C PHE A 173 -39.79 2.78 23.83
N THR A 174 -38.94 1.77 24.03
CA THR A 174 -39.42 0.48 24.53
C THR A 174 -40.06 0.64 25.91
N GLU A 175 -39.38 1.37 26.80
CA GLU A 175 -39.92 1.58 28.14
C GLU A 175 -41.14 2.50 28.11
N SER A 176 -41.05 3.62 27.39
CA SER A 176 -42.19 4.54 27.27
C SER A 176 -43.42 3.82 26.75
N TYR A 177 -43.25 2.91 25.78
CA TYR A 177 -44.41 2.22 25.23
C TYR A 177 -45.06 1.31 26.27
N LYS A 178 -44.24 0.65 27.09
CA LYS A 178 -44.79 -0.14 28.19
C LYS A 178 -45.68 0.74 29.07
N SER A 179 -45.18 1.93 29.43
CA SER A 179 -45.98 2.84 30.23
C SER A 179 -47.22 3.30 29.49
N PHE A 180 -47.08 3.53 28.18
CA PHE A 180 -48.20 3.99 27.38
C PHE A 180 -49.34 2.97 27.39
N LEU A 181 -49.02 1.69 27.27
CA LEU A 181 -50.04 0.66 27.32
C LEU A 181 -50.64 0.50 28.71
N LYS A 182 -49.97 1.01 29.74
CA LYS A 182 -50.49 1.04 31.10
C LYS A 182 -51.25 2.34 31.39
N LEU A 183 -51.64 3.09 30.35
CA LEU A 183 -52.33 4.37 30.47
C LEU A 183 -51.49 5.43 31.16
N GLU A 184 -50.18 5.21 31.34
CA GLU A 184 -49.28 6.20 31.90
C GLU A 184 -48.74 7.12 30.80
N ASP A 185 -48.42 8.35 31.19
CA ASP A 185 -47.97 9.35 30.23
C ASP A 185 -46.65 10.02 30.59
N ASN A 186 -46.15 9.86 31.82
CA ASN A 186 -44.90 10.49 32.23
C ASN A 186 -43.73 9.57 31.88
N TYR A 187 -42.82 10.06 31.03
CA TYR A 187 -41.65 9.29 30.62
C TYR A 187 -40.36 9.94 31.08
N GLU A 188 -40.45 10.94 31.96
CA GLU A 188 -39.25 11.61 32.47
C GLU A 188 -38.22 10.65 33.03
N PRO A 189 -38.56 9.64 33.84
CA PRO A 189 -37.55 8.62 34.19
C PRO A 189 -36.79 8.08 32.99
N SER A 190 -37.50 7.60 31.96
CA SER A 190 -36.81 7.08 30.78
C SER A 190 -36.01 8.17 30.08
N MET A 191 -36.56 9.39 30.01
CA MET A 191 -35.85 10.48 29.34
C MET A 191 -34.59 10.84 30.10
N GLN A 192 -34.64 10.86 31.43
CA GLN A 192 -33.45 11.14 32.21
C GLN A 192 -32.41 10.05 32.02
N GLU A 193 -32.87 8.79 31.93
CA GLU A 193 -31.97 7.69 31.64
C GLU A 193 -31.32 7.85 30.26
N LEU A 194 -32.10 8.29 29.27
CA LEU A 194 -31.55 8.51 27.93
C LEU A 194 -30.56 9.66 27.93
N LYS A 195 -30.85 10.73 28.68
CA LYS A 195 -29.91 11.86 28.75
C LYS A 195 -28.57 11.42 29.31
N LEU A 196 -28.59 10.59 30.35
CA LEU A 196 -27.35 10.16 30.98
C LEU A 196 -26.52 9.28 30.04
N GLY A 197 -27.17 8.31 29.40
CA GLY A 197 -26.46 7.49 28.44
C GLY A 197 -25.92 8.30 27.27
N PHE A 198 -26.68 9.29 26.81
CA PHE A 198 -26.21 10.11 25.71
C PHE A 198 -25.00 10.95 26.10
N GLU A 199 -24.91 11.34 27.37
CA GLU A 199 -23.72 12.06 27.84
C GLU A 199 -22.48 11.19 27.71
N LYS A 200 -22.61 9.90 27.98
CA LYS A 200 -21.51 8.97 27.72
C LYS A 200 -21.09 9.04 26.25
N PHE A 201 -22.06 9.01 25.33
CA PHE A 201 -21.73 9.10 23.91
C PHE A 201 -20.97 10.38 23.60
N VAL A 202 -21.46 11.51 24.09
CA VAL A 202 -20.82 12.78 23.81
C VAL A 202 -19.38 12.77 24.29
N HIS A 203 -19.15 12.23 25.50
CA HIS A 203 -17.80 12.18 26.04
CA HIS A 203 -17.79 12.19 26.04
C HIS A 203 -16.85 11.40 25.14
N ILE A 204 -17.24 10.19 24.75
CA ILE A 204 -16.31 9.35 24.01
C ILE A 204 -16.02 9.92 22.62
N ILE A 205 -17.05 10.41 21.92
CA ILE A 205 -16.79 10.98 20.60
C ILE A 205 -16.03 12.30 20.74
N ASN A 206 -16.21 13.02 21.85
CA ASN A 206 -15.40 14.21 22.09
C ASN A 206 -13.93 13.86 22.14
N THR A 207 -13.60 12.69 22.66
CA THR A 207 -12.23 12.20 22.66
C THR A 207 -11.73 11.97 21.23
N ASP A 208 -12.60 11.47 20.35
CA ASP A 208 -12.20 11.33 18.94
C ASP A 208 -11.97 12.67 18.28
N VAL A 209 -12.82 13.67 18.56
CA VAL A 209 -12.63 14.98 17.94
C VAL A 209 -11.29 15.56 18.36
N THR A 210 -11.00 15.52 19.65
CA THR A 210 -9.73 16.06 20.14
C THR A 210 -8.56 15.28 19.58
N SER A 211 -8.66 13.95 19.54
CA SER A 211 -7.60 13.14 18.96
C SER A 211 -7.37 13.52 17.50
N THR A 212 -8.45 13.59 16.71
CA THR A 212 -8.32 13.90 15.29
C THR A 212 -7.78 15.32 15.09
N GLU A 213 -8.23 16.27 15.90
CA GLU A 213 -7.72 17.64 15.80
C GLU A 213 -6.22 17.67 16.04
N LEU A 214 -5.76 16.98 17.09
CA LEU A 214 -4.34 16.95 17.41
C LEU A 214 -3.54 16.31 16.29
N LYS A 215 -4.08 15.23 15.71
CA LYS A 215 -3.40 14.56 14.60
C LYS A 215 -3.28 15.50 13.39
N LEU A 216 -4.32 16.30 13.14
CA LEU A 216 -4.31 17.19 11.98
C LEU A 216 -3.26 18.29 12.15
N GLU A 217 -3.23 18.93 13.32
CA GLU A 217 -2.23 19.97 13.53
C GLU A 217 -0.81 19.40 13.53
N GLU A 218 -0.67 18.12 13.87
CA GLU A 218 0.66 17.52 13.88
C GLU A 218 1.08 17.06 12.50
N LEU A 219 0.14 16.64 11.65
CA LEU A 219 0.49 16.31 10.27
C LEU A 219 0.97 17.54 9.52
N LYS A 220 0.42 18.71 9.83
CA LYS A 220 0.90 19.94 9.22
C LYS A 220 2.38 20.15 9.49
N VAL A 221 2.79 19.98 10.75
CA VAL A 221 4.21 20.13 11.09
C VAL A 221 5.05 19.10 10.35
N ASP A 222 4.59 17.85 10.33
CA ASP A 222 5.37 16.79 9.71
C ASP A 222 5.52 17.01 8.21
N LEU A 223 4.45 17.42 7.54
CA LEU A 223 4.54 17.71 6.11
C LEU A 223 5.49 18.87 5.84
N ASN A 224 5.47 19.89 6.69
CA ASN A 224 6.38 21.02 6.52
C ASN A 224 7.83 20.55 6.59
N ARG A 225 8.16 19.68 7.54
CA ARG A 225 9.52 19.18 7.66
C ARG A 225 9.90 18.31 6.47
N LYS A 226 8.99 17.42 6.05
CA LYS A 226 9.29 16.53 4.93
C LYS A 226 9.53 17.33 3.65
N ARG A 227 8.70 18.35 3.40
CA ARG A 227 8.87 19.16 2.20
C ARG A 227 10.19 19.90 2.21
N TYR A 228 10.56 20.48 3.36
CA TYR A 228 11.85 21.16 3.45
C TYR A 228 13.00 20.20 3.16
N LYS A 229 12.94 18.99 3.72
CA LYS A 229 13.99 18.02 3.46
C LYS A 229 14.05 17.67 1.98
N LEU A 230 12.88 17.50 1.35
CA LEU A 230 12.84 17.17 -0.07
C LEU A 230 13.43 18.29 -0.91
N HIS A 231 13.11 19.54 -0.60
CA HIS A 231 13.67 20.65 -1.35
C HIS A 231 15.19 20.70 -1.22
N GLN A 232 15.71 20.49 -0.01
CA GLN A 232 17.15 20.42 0.17
C GLN A 232 17.75 19.31 -0.68
N GLN A 233 17.05 18.19 -0.81
CA GLN A 233 17.51 17.12 -1.69
C GLN A 233 17.58 17.61 -3.13
N VAL A 234 16.57 18.35 -3.57
CA VAL A 234 16.58 18.93 -4.91
C VAL A 234 17.75 19.90 -5.06
N ILE A 235 18.00 20.72 -4.04
CA ILE A 235 19.12 21.65 -4.10
C ILE A 235 20.41 20.90 -4.32
N HIS A 236 20.61 19.80 -3.59
CA HIS A 236 21.82 19.01 -3.70
C HIS A 236 21.99 18.42 -5.10
N VAL A 237 20.91 17.93 -5.69
CA VAL A 237 20.97 17.36 -7.03
C VAL A 237 21.39 18.44 -8.03
N ILE A 238 20.76 19.61 -7.94
CA ILE A 238 21.05 20.70 -8.86
C ILE A 238 22.45 21.24 -8.61
N ASP A 239 22.88 21.30 -7.34
CA ASP A 239 24.19 21.86 -7.04
C ASP A 239 25.30 21.05 -7.66
N ILE A 240 25.24 19.71 -7.57
CA ILE A 240 26.37 18.92 -8.04
C ILE A 240 26.20 18.45 -9.48
N THR A 241 24.96 18.41 -9.99
CA THR A 241 24.79 18.17 -11.42
C THR A 241 25.41 19.31 -12.23
N SER A 242 25.11 20.55 -11.83
CA SER A 242 25.70 21.69 -12.53
C SER A 242 27.21 21.74 -12.33
N LYS A 243 27.69 21.48 -11.12
CA LYS A 243 29.13 21.47 -10.88
C LYS A 243 29.79 20.37 -11.70
N PHE A 244 29.14 19.21 -11.81
CA PHE A 244 29.63 18.12 -12.64
C PHE A 244 29.81 18.57 -14.09
N LYS A 245 28.77 19.16 -14.68
CA LYS A 245 28.80 19.49 -16.09
C LYS A 245 29.82 20.57 -16.40
N ILE A 246 29.88 21.61 -15.56
CA ILE A 246 30.83 22.70 -15.78
C ILE A 246 32.26 22.20 -15.62
N ASN A 247 32.48 21.28 -14.68
CA ASN A 247 33.85 20.81 -14.44
C ASN A 247 34.38 20.02 -15.63
N ILE A 248 33.56 19.13 -16.20
CA ILE A 248 33.97 18.38 -17.38
C ILE A 248 34.08 19.30 -18.59
N GLN A 249 33.19 20.29 -18.68
CA GLN A 249 33.34 21.27 -19.75
C GLN A 249 34.70 21.94 -19.67
N SER A 250 35.18 22.23 -18.46
CA SER A 250 36.52 22.77 -18.29
C SER A 250 37.58 21.78 -18.75
N SER A 251 37.43 20.49 -18.40
CA SER A 251 38.41 19.51 -18.80
C SER A 251 38.47 19.38 -20.32
N LEU A 252 37.31 19.36 -20.98
CA LEU A 252 37.27 19.28 -22.43
C LEU A 252 37.92 20.50 -23.07
N GLU A 253 37.64 21.68 -22.53
CA GLU A 253 38.20 22.91 -23.09
C GLU A 253 39.71 22.96 -22.94
N ASN A 254 40.24 22.56 -21.78
CA ASN A 254 41.68 22.60 -21.57
C ASN A 254 42.41 21.63 -22.50
N SER A 255 41.86 20.43 -22.67
CA SER A 255 42.52 19.44 -23.51
C SER A 255 42.61 19.91 -24.96
N GLU A 256 41.53 20.52 -25.46
CA GLU A 256 41.49 20.92 -26.87
C GLU A 256 42.50 22.03 -27.17
N ASN A 257 42.58 23.06 -26.31
CA ASN A 257 43.66 24.04 -26.43
C ASN A 257 45.04 23.40 -26.25
N GLU A 258 45.18 22.43 -25.34
CA GLU A 258 46.48 21.76 -25.21
C GLU A 258 46.89 21.16 -26.54
N LEU A 259 46.01 20.36 -27.13
CA LEU A 259 46.38 19.63 -28.33
C LEU A 259 46.48 20.53 -29.55
N GLY A 260 45.72 21.62 -29.58
CA GLY A 260 45.89 22.59 -30.64
C GLY A 260 47.28 23.19 -30.66
N ASN A 261 47.83 23.50 -29.48
CA ASN A 261 49.18 24.04 -29.41
C ASN A 261 50.22 23.02 -29.86
N VAL A 262 49.99 21.74 -29.55
CA VAL A 262 50.89 20.70 -30.04
C VAL A 262 50.87 20.66 -31.56
N ILE A 263 49.68 20.75 -32.16
CA ILE A 263 49.56 20.66 -33.61
C ILE A 263 50.22 21.85 -34.29
N GLU A 264 50.17 23.04 -33.68
CA GLU A 264 50.89 24.18 -34.23
C GLU A 264 52.39 23.92 -34.26
N GLU A 265 52.94 23.35 -33.18
CA GLU A 265 54.37 23.06 -33.15
C GLU A 265 54.75 22.03 -34.21
N LEU A 266 53.95 20.96 -34.34
CA LEU A 266 54.19 19.99 -35.40
C LEU A 266 54.16 20.61 -36.79
N ARG A 267 53.38 21.67 -36.97
CA ARG A 267 53.25 22.30 -38.28
C ARG A 267 54.08 23.57 -38.44
N ASN A 268 54.81 23.98 -37.41
CA ASN A 268 55.63 25.19 -37.49
C ASN A 268 56.98 24.80 -38.08
N LEU A 269 57.10 24.94 -39.39
CA LEU A 269 58.31 24.55 -40.13
C LEU A 269 59.18 25.75 -40.48
N GLU A 270 58.93 26.91 -39.90
CA GLU A 270 59.75 28.09 -40.16
C GLU A 270 61.19 27.83 -39.74
N PHE A 271 62.12 28.15 -40.65
CA PHE A 271 63.54 27.98 -40.35
C PHE A 271 64.03 29.08 -39.40
N GLU A 272 63.58 30.32 -39.62
CA GLU A 272 63.99 31.47 -38.82
C GLU A 272 65.51 31.69 -38.83
N ALA B 3 -52.65 -13.95 -11.03
CA ALA B 3 -54.10 -14.08 -10.90
C ALA B 3 -54.47 -15.43 -10.29
N SER B 4 -55.72 -15.83 -10.49
CA SER B 4 -56.27 -17.11 -10.03
C SER B 4 -56.27 -17.25 -8.52
N ILE B 5 -55.94 -16.19 -7.79
CA ILE B 5 -55.96 -16.18 -6.33
C ILE B 5 -57.18 -15.38 -5.89
N PHE B 6 -57.92 -15.90 -4.93
CA PHE B 6 -59.20 -15.33 -4.52
C PHE B 6 -59.12 -14.85 -3.07
N LYS B 7 -58.65 -13.61 -2.91
CA LYS B 7 -59.00 -12.81 -1.75
C LYS B 7 -60.34 -12.11 -1.96
N ASP B 8 -60.92 -12.22 -3.15
CA ASP B 8 -62.19 -11.59 -3.45
C ASP B 8 -63.30 -12.09 -2.54
N LEU B 9 -63.36 -13.41 -2.33
CA LEU B 9 -64.30 -13.96 -1.38
C LEU B 9 -63.75 -14.01 0.04
N GLU B 10 -62.46 -13.73 0.22
CA GLU B 10 -61.96 -13.45 1.55
C GLU B 10 -62.39 -12.07 2.01
N ALA B 11 -62.57 -11.14 1.08
CA ALA B 11 -63.01 -9.78 1.37
C ALA B 11 -64.47 -9.70 1.78
N LEU B 12 -65.22 -10.80 1.66
CA LEU B 12 -66.59 -10.83 2.14
C LEU B 12 -66.60 -10.89 3.66
N SER B 13 -66.26 -9.77 4.31
CA SER B 13 -66.23 -9.69 5.76
C SER B 13 -67.62 -9.35 6.28
N PHE B 14 -68.50 -10.36 6.21
CA PHE B 14 -69.88 -10.19 6.64
C PHE B 14 -69.94 -9.98 8.15
N GLN B 15 -70.98 -9.26 8.58
CA GLN B 15 -71.29 -9.06 10.00
C GLN B 15 -70.09 -8.53 10.77
N SER B 16 -69.36 -7.60 10.16
CA SER B 16 -68.17 -7.04 10.77
C SER B 16 -68.43 -5.74 11.53
N ASN B 17 -69.66 -5.22 11.50
CA ASN B 17 -69.89 -3.85 11.96
C ASN B 17 -69.68 -3.70 13.46
N ALA B 18 -70.28 -4.58 14.26
CA ALA B 18 -69.96 -4.60 15.67
C ALA B 18 -68.57 -5.19 15.86
N SER B 19 -67.83 -4.65 16.82
CA SER B 19 -66.44 -5.01 16.98
C SER B 19 -66.18 -5.45 18.41
N ARG B 20 -65.19 -6.32 18.57
CA ARG B 20 -64.72 -6.74 19.88
C ARG B 20 -63.22 -6.94 19.75
N ASN B 21 -62.48 -6.50 20.77
CA ASN B 21 -61.04 -6.58 20.73
C ASN B 21 -60.53 -6.47 22.16
N GLN B 22 -60.00 -7.56 22.69
CA GLN B 22 -59.52 -7.56 24.06
C GLN B 22 -58.10 -7.04 24.19
N ASP B 23 -57.38 -6.87 23.07
CA ASP B 23 -56.07 -6.26 23.10
C ASP B 23 -56.18 -4.75 23.19
N VAL B 24 -55.15 -4.13 23.79
CA VAL B 24 -55.13 -2.68 23.98
C VAL B 24 -54.88 -1.97 22.65
N PHE B 25 -54.12 -2.58 21.75
CA PHE B 25 -53.81 -2.00 20.46
C PHE B 25 -54.92 -2.35 19.46
N PRO B 26 -55.11 -1.54 18.42
CA PRO B 26 -56.17 -1.83 17.45
C PRO B 26 -55.77 -2.90 16.46
N ILE B 27 -56.72 -3.74 16.09
CA ILE B 27 -56.54 -4.70 15.01
C ILE B 27 -56.75 -3.98 13.69
N LEU B 28 -55.77 -4.06 12.79
CA LEU B 28 -55.81 -3.31 11.55
C LEU B 28 -56.28 -4.19 10.40
N ASP B 29 -57.04 -3.59 9.50
CA ASP B 29 -57.43 -4.29 8.29
C ASP B 29 -56.21 -4.58 7.44
N LEU B 30 -56.28 -5.66 6.67
CA LEU B 30 -55.09 -6.21 6.03
C LEU B 30 -54.37 -5.18 5.16
N GLN B 31 -55.12 -4.41 4.36
CA GLN B 31 -54.46 -3.49 3.44
C GLN B 31 -53.73 -2.38 4.20
N GLU B 32 -54.39 -1.79 5.20
CA GLU B 32 -53.70 -0.78 6.00
C GLU B 32 -52.54 -1.40 6.77
N LEU B 33 -52.72 -2.62 7.27
CA LEU B 33 -51.64 -3.29 7.99
C LEU B 33 -50.41 -3.43 7.10
N VAL B 34 -50.61 -3.83 5.84
CA VAL B 34 -49.49 -4.03 4.94
C VAL B 34 -48.86 -2.71 4.55
N ILE B 35 -49.68 -1.68 4.30
CA ILE B 35 -49.14 -0.37 3.96
C ILE B 35 -48.22 0.12 5.06
N CYS B 36 -48.65 0.00 6.32
CA CYS B 36 -47.83 0.43 7.45
C CYS B 36 -46.57 -0.42 7.57
N LEU B 37 -46.69 -1.74 7.43
CA LEU B 37 -45.52 -2.60 7.52
C LEU B 37 -44.52 -2.27 6.41
N GLN B 38 -45.00 -2.04 5.19
CA GLN B 38 -44.09 -1.68 4.11
C GLN B 38 -43.44 -0.33 4.39
N SER B 39 -44.21 0.63 4.87
CA SER B 39 -43.66 1.96 5.16
C SER B 39 -42.67 1.93 6.31
N CYS B 40 -42.71 0.89 7.15
CA CYS B 40 -41.67 0.67 8.16
C CYS B 40 -40.44 0.02 7.58
N ASP B 41 -40.38 -0.10 6.24
CA ASP B 41 -39.27 -0.69 5.51
C ASP B 41 -39.16 -2.19 5.72
N PHE B 42 -40.29 -2.87 5.91
CA PHE B 42 -40.35 -4.31 5.77
C PHE B 42 -40.95 -4.60 4.40
N ALA B 43 -40.12 -4.40 3.37
CA ALA B 43 -40.60 -4.50 1.99
C ALA B 43 -41.23 -5.86 1.73
N LEU B 44 -40.82 -6.87 2.49
CA LEU B 44 -41.20 -8.24 2.26
C LEU B 44 -42.69 -8.47 2.58
N ALA B 45 -43.27 -7.60 3.41
CA ALA B 45 -44.66 -7.74 3.82
C ALA B 45 -45.61 -7.46 2.67
N THR B 46 -46.53 -8.40 2.41
CA THR B 46 -47.52 -8.24 1.35
C THR B 46 -48.86 -8.79 1.82
N GLN B 47 -49.93 -8.28 1.22
CA GLN B 47 -51.27 -8.77 1.52
C GLN B 47 -51.39 -10.26 1.21
N GLU B 48 -50.81 -10.71 0.10
CA GLU B 48 -50.98 -12.10 -0.32
C GLU B 48 -50.35 -13.05 0.69
N ASN B 49 -49.10 -12.79 1.08
CA ASN B 49 -48.41 -13.69 2.01
C ASN B 49 -49.02 -13.61 3.41
N ILE B 50 -49.43 -12.42 3.85
CA ILE B 50 -49.93 -12.27 5.21
C ILE B 50 -51.35 -12.83 5.35
N SER B 51 -52.12 -12.89 4.26
CA SER B 51 -53.48 -13.46 4.35
C SER B 51 -53.44 -14.98 4.45
N ARG B 52 -52.51 -15.62 3.72
CA ARG B 52 -52.23 -17.04 3.88
C ARG B 52 -50.82 -17.18 4.43
N PRO B 53 -50.62 -16.93 5.73
CA PRO B 53 -49.27 -17.01 6.29
C PRO B 53 -48.75 -18.43 6.21
N THR B 54 -47.51 -18.55 5.75
CA THR B 54 -46.78 -19.81 5.83
C THR B 54 -45.61 -19.64 6.78
N SER B 55 -45.23 -20.72 7.44
CA SER B 55 -43.96 -20.71 8.14
C SER B 55 -42.84 -20.46 7.13
N ASP B 56 -41.71 -19.99 7.64
CA ASP B 56 -40.53 -19.57 6.89
C ASP B 56 -40.75 -18.24 6.21
N TYR B 57 -42.01 -17.84 6.04
CA TYR B 57 -42.28 -16.46 5.68
C TYR B 57 -42.44 -15.64 6.93
N MET B 58 -43.23 -16.16 7.88
CA MET B 58 -43.39 -15.50 9.17
C MET B 58 -42.09 -15.52 9.96
N VAL B 59 -41.35 -16.63 9.87
CA VAL B 59 -40.06 -16.72 10.55
C VAL B 59 -39.13 -15.63 10.05
N THR B 60 -39.05 -15.46 8.72
CA THR B 60 -38.23 -14.41 8.15
C THR B 60 -38.74 -13.03 8.56
N LEU B 61 -40.05 -12.80 8.40
CA LEU B 61 -40.61 -11.49 8.69
C LEU B 61 -40.47 -11.12 10.16
N TYR B 62 -40.77 -12.07 11.07
CA TYR B 62 -40.60 -11.78 12.49
C TYR B 62 -39.15 -11.48 12.83
N LYS B 63 -38.21 -12.24 12.25
CA LYS B 63 -36.81 -11.97 12.48
C LYS B 63 -36.43 -10.57 12.02
N GLN B 64 -36.95 -10.15 10.87
CA GLN B 64 -36.66 -8.81 10.39
C GLN B 64 -37.23 -7.75 11.32
N ILE B 65 -38.46 -7.95 11.80
CA ILE B 65 -39.10 -6.97 12.67
C ILE B 65 -38.35 -6.85 13.99
N ILE B 66 -38.04 -7.99 14.61
CA ILE B 66 -37.38 -7.98 15.90
C ILE B 66 -35.99 -7.37 15.79
N GLU B 67 -35.25 -7.70 14.72
CA GLU B 67 -33.91 -7.13 14.58
C GLU B 67 -33.97 -5.62 14.38
N ASN B 68 -35.02 -5.11 13.74
CA ASN B 68 -35.12 -3.68 13.52
C ASN B 68 -35.46 -2.94 14.81
N PHE B 69 -36.51 -3.38 15.50
CA PHE B 69 -37.03 -2.63 16.63
C PHE B 69 -36.20 -2.81 17.90
N MET B 70 -35.46 -3.92 18.01
CA MET B 70 -34.59 -4.13 19.16
C MET B 70 -33.12 -3.87 18.87
N GLY B 71 -32.74 -3.76 17.61
CA GLY B 71 -31.36 -3.47 17.29
C GLY B 71 -30.37 -4.56 17.70
N ILE B 72 -30.77 -5.81 17.60
CA ILE B 72 -29.88 -6.93 17.91
C ILE B 72 -29.90 -7.91 16.74
N SER B 73 -28.90 -8.77 16.71
CA SER B 73 -28.84 -9.86 15.74
C SER B 73 -29.45 -11.10 16.36
N VAL B 74 -30.53 -11.60 15.76
CA VAL B 74 -31.08 -12.88 16.18
C VAL B 74 -30.03 -13.98 16.02
N GLU B 75 -29.29 -13.96 14.91
CA GLU B 75 -28.27 -14.97 14.66
C GLU B 75 -27.24 -15.00 15.78
N SER B 76 -26.76 -13.83 16.20
CA SER B 76 -25.78 -13.79 17.28
C SER B 76 -26.33 -14.38 18.56
N LEU B 77 -27.64 -14.22 18.80
CA LEU B 77 -28.24 -14.79 19.99
C LEU B 77 -28.27 -16.31 19.92
N LEU B 78 -28.67 -16.86 18.77
CA LEU B 78 -28.65 -18.31 18.62
C LEU B 78 -27.25 -18.85 18.79
N ASN B 79 -26.25 -18.10 18.32
CA ASN B 79 -24.86 -18.56 18.41
C ASN B 79 -24.44 -18.69 19.87
N SER B 80 -24.63 -17.64 20.66
CA SER B 80 -24.29 -17.70 22.08
C SER B 80 -25.14 -18.73 22.80
N SER B 81 -26.30 -19.09 22.25
CA SER B 81 -27.13 -20.12 22.83
C SER B 81 -26.46 -21.49 22.76
N ASN B 82 -25.61 -21.71 21.76
CA ASN B 82 -25.01 -23.02 21.53
C ASN B 82 -23.58 -23.15 22.01
N GLN B 83 -22.87 -22.04 22.20
CA GLN B 83 -21.49 -22.11 22.68
C GLN B 83 -21.44 -22.73 24.07
N GLU B 84 -20.50 -23.66 24.26
CA GLU B 84 -20.41 -24.42 25.50
C GLU B 84 -19.18 -24.00 26.31
N THR B 85 -19.17 -24.42 27.57
CA THR B 85 -18.14 -23.99 28.51
C THR B 85 -16.76 -24.50 28.13
N GLY B 86 -16.67 -25.76 27.70
CA GLY B 86 -15.37 -26.35 27.43
C GLY B 86 -14.72 -25.78 26.18
N ASP B 87 -13.39 -25.91 26.16
CA ASP B 87 -12.59 -25.45 25.02
C ASP B 87 -11.66 -26.55 24.53
N ASN B 94 -23.74 -36.79 20.23
CA ASN B 94 -25.10 -37.13 20.62
C ASN B 94 -25.89 -35.90 21.05
N GLU B 95 -25.59 -34.74 20.46
CA GLU B 95 -26.25 -33.52 20.87
C GLU B 95 -27.15 -32.97 19.78
N ASN B 96 -27.07 -33.49 18.56
CA ASN B 96 -27.99 -33.14 17.49
C ASN B 96 -29.40 -33.65 17.76
N ILE B 97 -29.57 -34.48 18.78
CA ILE B 97 -30.90 -34.85 19.26
C ILE B 97 -31.68 -33.62 19.72
N TYR B 98 -30.98 -32.60 20.21
CA TYR B 98 -31.64 -31.44 20.80
C TYR B 98 -31.41 -30.12 20.08
N LEU B 99 -30.40 -30.04 19.20
CA LEU B 99 -29.99 -28.75 18.65
C LEU B 99 -31.11 -28.09 17.86
N ASP B 100 -31.79 -28.86 17.01
CA ASP B 100 -32.87 -28.30 16.20
C ASP B 100 -34.02 -27.84 17.10
N THR B 101 -34.35 -28.63 18.12
CA THR B 101 -35.39 -28.25 19.06
C THR B 101 -35.00 -27.01 19.86
N LEU B 102 -33.74 -26.93 20.31
CA LEU B 102 -33.33 -25.77 21.09
C LEU B 102 -33.32 -24.51 20.24
N ASN B 103 -32.84 -24.59 19.00
CA ASN B 103 -32.80 -23.40 18.16
C ASN B 103 -34.21 -22.88 17.87
N VAL B 104 -35.14 -23.81 17.67
CA VAL B 104 -36.50 -23.40 17.35
C VAL B 104 -37.16 -22.79 18.58
N LEU B 105 -36.87 -23.32 19.77
CA LEU B 105 -37.44 -22.80 21.01
C LEU B 105 -36.78 -21.50 21.45
N VAL B 106 -35.51 -21.31 21.13
CA VAL B 106 -34.83 -20.06 21.50
C VAL B 106 -35.36 -18.91 20.66
N LEU B 107 -35.57 -19.14 19.35
CA LEU B 107 -36.20 -18.12 18.54
C LEU B 107 -37.59 -17.80 19.05
N ASN B 108 -38.34 -18.82 19.47
CA ASN B 108 -39.67 -18.59 20.03
C ASN B 108 -39.61 -17.69 21.26
N LYS B 109 -38.64 -17.93 22.14
CA LYS B 109 -38.52 -17.10 23.34
C LYS B 109 -38.19 -15.66 22.99
N ILE B 110 -37.28 -15.45 22.03
CA ILE B 110 -36.94 -14.10 21.62
C ILE B 110 -38.18 -13.35 21.16
N CYS B 111 -38.98 -13.98 20.29
CA CYS B 111 -40.23 -13.37 19.86
C CYS B 111 -41.16 -13.16 21.05
N PHE B 112 -41.25 -14.17 21.92
CA PHE B 112 -42.12 -14.08 23.09
C PHE B 112 -41.80 -12.85 23.94
N LYS B 113 -40.51 -12.66 24.29
CA LYS B 113 -40.14 -11.51 25.08
C LYS B 113 -40.45 -10.21 24.36
N PHE B 114 -40.18 -10.17 23.05
CA PHE B 114 -40.42 -8.96 22.28
C PHE B 114 -41.90 -8.57 22.30
N PHE B 115 -42.79 -9.55 22.10
CA PHE B 115 -44.21 -9.24 22.01
C PHE B 115 -44.82 -8.94 23.38
N GLU B 116 -44.28 -9.50 24.46
CA GLU B 116 -44.73 -9.08 25.78
C GLU B 116 -44.61 -7.58 25.96
N ASN B 117 -43.53 -7.00 25.41
CA ASN B 117 -43.29 -5.58 25.55
C ASN B 117 -44.31 -4.74 24.80
N ILE B 118 -45.02 -5.31 23.83
CA ILE B 118 -45.90 -4.51 22.99
C ILE B 118 -47.35 -4.97 23.08
N GLY B 119 -47.72 -5.62 24.18
CA GLY B 119 -49.12 -5.91 24.44
C GLY B 119 -49.62 -7.25 23.96
N VAL B 120 -48.72 -8.17 23.62
CA VAL B 120 -49.08 -9.52 23.25
C VAL B 120 -48.40 -10.46 24.24
N GLN B 121 -49.19 -11.23 24.98
CA GLN B 121 -48.67 -12.04 26.06
C GLN B 121 -48.58 -13.52 25.74
N ASP B 122 -49.00 -13.95 24.55
CA ASP B 122 -49.15 -15.37 24.28
C ASP B 122 -48.56 -15.75 22.92
N PHE B 123 -47.48 -15.11 22.52
CA PHE B 123 -46.75 -15.62 21.36
C PHE B 123 -46.28 -17.05 21.65
N ASN B 124 -46.42 -17.92 20.65
CA ASN B 124 -46.08 -19.32 20.86
C ASN B 124 -45.70 -19.97 19.53
N MET B 125 -45.24 -21.22 19.62
CA MET B 125 -44.68 -21.92 18.47
C MET B 125 -45.62 -21.97 17.27
N THR B 126 -46.93 -22.00 17.51
CA THR B 126 -47.86 -22.00 16.40
C THR B 126 -47.69 -20.77 15.53
N ASP B 127 -47.48 -19.60 16.16
CA ASP B 127 -47.34 -18.36 15.42
C ASP B 127 -46.13 -18.37 14.51
N LEU B 128 -45.11 -19.18 14.80
CA LEU B 128 -43.94 -19.31 13.95
C LEU B 128 -44.04 -20.46 12.96
N TYR B 129 -44.59 -21.60 13.40
CA TYR B 129 -44.40 -22.85 12.66
C TYR B 129 -45.66 -23.45 12.08
N LYS B 130 -46.83 -22.89 12.39
CA LYS B 130 -48.04 -23.17 11.64
C LYS B 130 -48.93 -21.94 11.73
N PRO B 131 -48.51 -20.84 11.12
CA PRO B 131 -49.19 -19.56 11.35
C PRO B 131 -50.62 -19.60 10.82
N GLU B 132 -51.49 -18.83 11.49
CA GLU B 132 -52.87 -18.70 11.07
C GLU B 132 -53.21 -17.23 10.93
N ALA B 133 -54.20 -16.96 10.06
CA ALA B 133 -54.38 -15.60 9.52
C ALA B 133 -54.70 -14.58 10.60
N GLN B 134 -55.71 -14.86 11.44
CA GLN B 134 -56.14 -13.85 12.41
C GLN B 134 -55.07 -13.56 13.46
N ARG B 135 -54.42 -14.60 13.98
CA ARG B 135 -53.34 -14.36 14.94
C ARG B 135 -52.21 -13.56 14.29
N THR B 136 -51.90 -13.85 13.02
CA THR B 136 -50.83 -13.14 12.36
C THR B 136 -51.15 -11.66 12.22
N GLN B 137 -52.38 -11.32 11.82
CA GLN B 137 -52.69 -9.89 11.71
C GLN B 137 -52.73 -9.24 13.07
N ARG B 138 -53.17 -9.99 14.10
CA ARG B 138 -53.19 -9.44 15.45
C ARG B 138 -51.78 -9.08 15.90
N LEU B 139 -50.84 -10.03 15.79
CA LEU B 139 -49.46 -9.78 16.18
C LEU B 139 -48.86 -8.63 15.39
N LEU B 140 -49.01 -8.65 14.06
CA LEU B 140 -48.47 -7.57 13.25
C LEU B 140 -49.16 -6.24 13.54
N SER B 141 -50.43 -6.27 13.93
CA SER B 141 -51.11 -5.04 14.33
C SER B 141 -50.46 -4.44 15.57
N ALA B 142 -50.00 -5.29 16.50
CA ALA B 142 -49.28 -4.79 17.65
C ALA B 142 -47.97 -4.13 17.23
N VAL B 143 -47.29 -4.70 16.24
CA VAL B 143 -46.05 -4.10 15.75
C VAL B 143 -46.30 -2.70 15.22
N VAL B 144 -47.35 -2.54 14.41
CA VAL B 144 -47.61 -1.22 13.81
C VAL B 144 -47.92 -0.19 14.89
N ASN B 145 -48.74 -0.56 15.88
CA ASN B 145 -49.06 0.41 16.93
C ASN B 145 -47.81 0.89 17.66
N TYR B 146 -46.88 -0.03 17.94
CA TYR B 146 -45.62 0.40 18.54
C TYR B 146 -44.85 1.35 17.61
N ALA B 147 -44.82 1.06 16.31
CA ALA B 147 -44.10 1.93 15.39
C ALA B 147 -44.72 3.31 15.36
N ARG B 148 -46.05 3.37 15.35
CA ARG B 148 -46.72 4.67 15.34
C ARG B 148 -46.40 5.45 16.59
N PHE B 149 -46.37 4.76 17.74
CA PHE B 149 -45.98 5.40 18.99
C PHE B 149 -44.57 5.98 18.89
N ARG B 150 -43.64 5.21 18.30
CA ARG B 150 -42.27 5.71 18.18
C ARG B 150 -42.20 6.93 17.27
N GLU B 151 -42.92 6.90 16.15
CA GLU B 151 -42.88 8.02 15.22
C GLU B 151 -43.38 9.30 15.85
N GLU B 152 -44.49 9.22 16.60
CA GLU B 152 -45.10 10.41 17.17
C GLU B 152 -44.18 11.09 18.16
N ARG B 153 -43.52 10.31 19.00
CA ARG B 153 -42.68 10.90 20.03
C ARG B 153 -41.23 11.01 19.59
N MET B 154 -40.92 10.70 18.32
CA MET B 154 -39.54 10.84 17.88
C MET B 154 -39.04 12.28 17.91
N PHE B 155 -39.93 13.28 17.95
CA PHE B 155 -39.39 14.62 18.08
C PHE B 155 -38.88 14.88 19.49
N ASP B 156 -39.24 14.04 20.47
CA ASP B 156 -38.63 14.12 21.79
C ASP B 156 -37.13 13.87 21.74
N CYS B 157 -36.63 13.19 20.71
CA CYS B 157 -35.24 12.79 20.63
C CYS B 157 -34.48 13.46 19.49
N ASN B 158 -35.06 14.48 18.86
CA ASN B 158 -34.42 15.06 17.69
C ASN B 158 -33.12 15.78 18.07
N SER B 159 -33.08 16.40 19.23
CA SER B 159 -31.87 17.08 19.68
C SER B 159 -30.70 16.11 19.78
N PHE B 160 -30.94 14.90 20.30
CA PHE B 160 -29.87 13.92 20.41
C PHE B 160 -29.34 13.53 19.04
N ILE B 161 -30.25 13.26 18.09
CA ILE B 161 -29.83 12.90 16.74
C ILE B 161 -29.03 14.03 16.12
N LEU B 162 -29.47 15.27 16.29
CA LEU B 162 -28.78 16.38 15.65
C LEU B 162 -27.40 16.58 16.27
N GLN B 163 -27.29 16.48 17.59
CA GLN B 163 -25.99 16.58 18.22
C GLN B 163 -25.06 15.47 17.71
N MET B 164 -25.58 14.24 17.64
CA MET B 164 -24.77 13.13 17.14
C MET B 164 -24.30 13.39 15.71
N GLU B 165 -25.18 13.92 14.86
CA GLU B 165 -24.80 14.15 13.47
C GLU B 165 -23.78 15.28 13.36
N SER B 166 -23.91 16.31 14.21
CA SER B 166 -22.90 17.35 14.24
C SER B 166 -21.54 16.79 14.61
N LEU B 167 -21.48 16.03 15.71
CA LEU B 167 -20.21 15.48 16.17
C LEU B 167 -19.60 14.54 15.13
N LEU B 168 -20.41 13.66 14.55
CA LEU B 168 -19.92 12.84 13.45
C LEU B 168 -19.49 13.70 12.28
N GLY B 169 -20.15 14.83 12.07
CA GLY B 169 -19.74 15.74 11.01
C GLY B 169 -18.36 16.32 11.24
N GLN B 170 -18.06 16.70 12.49
CA GLN B 170 -16.75 17.27 12.78
C GLN B 170 -15.64 16.25 12.54
N ILE B 171 -15.86 14.98 12.93
CA ILE B 171 -14.88 13.94 12.64
C ILE B 171 -14.62 13.87 11.15
N ASN B 172 -15.68 13.82 10.35
CA ASN B 172 -15.55 13.61 8.92
C ASN B 172 -14.86 14.78 8.24
N LYS B 173 -15.23 16.01 8.62
CA LYS B 173 -14.59 17.19 8.03
C LYS B 173 -13.10 17.23 8.36
N LEU B 174 -12.74 16.92 9.61
CA LEU B 174 -11.33 16.89 9.98
C LEU B 174 -10.58 15.80 9.23
N ASN B 175 -11.20 14.62 9.08
CA ASN B 175 -10.53 13.54 8.36
C ASN B 175 -10.43 13.85 6.88
N ASP B 176 -11.38 14.61 6.33
CA ASP B 176 -11.24 15.10 4.96
C ASP B 176 -10.06 16.04 4.84
N GLU B 177 -9.91 16.96 5.79
CA GLU B 177 -8.75 17.85 5.79
C GLU B 177 -7.45 17.06 5.83
N ILE B 178 -7.39 16.03 6.67
CA ILE B 178 -6.16 15.25 6.79
C ILE B 178 -5.82 14.62 5.46
N LYS B 179 -6.80 14.00 4.79
CA LYS B 179 -6.51 13.34 3.52
C LYS B 179 -6.23 14.33 2.41
N GLN B 180 -6.79 15.54 2.46
CA GLN B 180 -6.46 16.53 1.43
C GLN B 180 -5.01 16.96 1.55
N LEU B 181 -4.56 17.32 2.75
CA LEU B 181 -3.17 17.72 2.94
C LEU B 181 -2.22 16.59 2.56
N GLN B 182 -2.54 15.37 2.98
CA GLN B 182 -1.65 14.24 2.71
C GLN B 182 -1.70 13.81 1.25
N LYS B 183 -2.80 14.07 0.55
CA LYS B 183 -2.84 13.79 -0.88
C LYS B 183 -2.05 14.82 -1.67
N ASP B 184 -2.21 16.10 -1.32
CA ASP B 184 -1.54 17.17 -2.06
C ASP B 184 -0.02 17.04 -1.97
N PHE B 185 0.49 16.70 -0.79
CA PHE B 185 1.92 16.51 -0.64
C PHE B 185 2.41 15.35 -1.48
N GLU B 186 1.61 14.29 -1.61
CA GLU B 186 1.98 13.16 -2.46
C GLU B 186 2.09 13.60 -3.91
N VAL B 187 1.21 14.51 -4.35
CA VAL B 187 1.32 15.08 -5.69
C VAL B 187 2.63 15.88 -5.81
N GLU B 188 2.94 16.69 -4.80
CA GLU B 188 4.19 17.45 -4.82
C GLU B 188 5.39 16.52 -4.94
N VAL B 189 5.39 15.43 -4.18
CA VAL B 189 6.54 14.52 -4.18
C VAL B 189 6.76 13.93 -5.56
N LYS B 190 5.67 13.52 -6.24
CA LYS B 190 5.79 12.79 -7.49
C LYS B 190 6.26 13.69 -8.62
N GLU B 191 5.69 14.90 -8.71
CA GLU B 191 6.08 15.80 -9.79
C GLU B 191 7.57 16.09 -9.71
N ILE B 192 8.10 16.22 -8.50
CA ILE B 192 9.55 16.27 -8.32
C ILE B 192 10.19 14.94 -8.72
N GLU B 193 9.58 13.82 -8.32
CA GLU B 193 10.15 12.51 -8.65
C GLU B 193 10.12 12.26 -10.15
N ILE B 194 9.06 12.69 -10.83
CA ILE B 194 8.99 12.54 -12.28
C ILE B 194 10.13 13.32 -12.93
N GLU B 195 10.28 14.59 -12.56
CA GLU B 195 11.31 15.43 -13.17
C GLU B 195 12.70 14.92 -12.85
N TYR B 196 12.92 14.45 -11.63
CA TYR B 196 14.23 13.91 -11.28
C TYR B 196 14.57 12.70 -12.15
N SER B 197 13.57 11.84 -12.41
CA SER B 197 13.81 10.66 -13.22
C SER B 197 14.26 11.05 -14.63
N LEU B 198 13.66 12.09 -15.20
CA LEU B 198 14.12 12.59 -16.49
C LEU B 198 15.58 13.02 -16.42
N LEU B 199 15.93 13.78 -15.37
CA LEU B 199 17.31 14.23 -15.23
C LEU B 199 18.26 13.07 -14.98
N SER B 200 17.82 12.07 -14.21
CA SER B 200 18.67 10.91 -13.97
C SER B 200 18.95 10.15 -15.26
N GLY B 201 17.93 9.97 -16.10
CA GLY B 201 18.15 9.35 -17.39
C GLY B 201 19.02 10.19 -18.29
N HIS B 202 18.88 11.51 -18.21
CA HIS B 202 19.69 12.42 -19.02
C HIS B 202 21.17 12.30 -18.68
N ILE B 203 21.50 12.23 -17.39
CA ILE B 203 22.89 12.12 -16.97
C ILE B 203 23.48 10.77 -17.36
N ASN B 204 22.70 9.69 -17.16
CA ASN B 204 23.14 8.37 -17.61
C ASN B 204 23.28 8.30 -19.12
N LYS B 205 22.34 8.90 -19.86
CA LYS B 205 22.49 8.95 -21.31
C LYS B 205 23.78 9.67 -21.70
N TYR B 206 24.04 10.82 -21.06
CA TYR B 206 25.26 11.60 -21.29
C TYR B 206 26.53 10.77 -21.09
N MET B 207 26.62 10.08 -19.95
CA MET B 207 27.82 9.28 -19.69
C MET B 207 27.97 8.16 -20.72
N ASN B 208 26.86 7.54 -21.11
CA ASN B 208 26.95 6.42 -22.05
C ASN B 208 27.52 6.86 -23.39
N GLU B 209 27.08 8.02 -23.90
CA GLU B 209 27.64 8.53 -25.15
C GLU B 209 29.10 8.92 -24.99
N MET B 210 29.46 9.54 -23.85
CA MET B 210 30.85 9.95 -23.64
C MET B 210 31.78 8.76 -23.49
N LEU B 211 31.31 7.65 -22.91
CA LEU B 211 32.13 6.45 -22.82
C LEU B 211 32.51 5.90 -24.20
N GLU B 212 31.66 6.10 -25.21
CA GLU B 212 31.97 5.60 -26.54
C GLU B 212 33.31 6.13 -27.04
N TYR B 213 33.69 7.33 -26.63
CA TYR B 213 34.90 7.99 -27.08
C TYR B 213 36.02 7.97 -26.03
N MET B 214 35.88 7.18 -24.99
CA MET B 214 36.91 7.05 -23.96
C MET B 214 37.48 5.63 -24.00
N GLN B 215 38.53 5.44 -23.19
CA GLN B 215 39.25 4.15 -23.11
C GLN B 215 39.92 3.79 -24.44
N ASP C 5 11.43 31.85 2.35
CA ASP C 5 10.75 30.66 2.82
C ASP C 5 11.71 29.50 3.02
N ASN C 6 12.95 29.69 2.56
CA ASN C 6 13.98 28.64 2.52
C ASN C 6 13.52 27.44 1.70
N LEU C 7 12.52 27.63 0.86
CA LEU C 7 11.97 26.61 -0.01
C LEU C 7 12.31 26.95 -1.46
N LEU C 8 11.73 26.19 -2.37
CA LEU C 8 11.88 26.45 -3.79
C LEU C 8 10.55 26.95 -4.36
N ASP C 9 10.61 28.12 -4.98
CA ASP C 9 9.50 28.66 -5.74
C ASP C 9 8.89 27.66 -6.70
N ASN C 10 9.74 26.97 -7.49
CA ASN C 10 9.27 25.91 -8.36
C ASN C 10 10.39 24.88 -8.56
N PRO C 11 10.43 23.87 -7.68
CA PRO C 11 11.48 22.85 -7.83
C PRO C 11 11.35 22.03 -9.10
N VAL C 12 10.15 21.90 -9.67
CA VAL C 12 9.99 21.11 -10.88
C VAL C 12 10.65 21.81 -12.06
N GLU C 13 10.38 23.10 -12.24
CA GLU C 13 11.07 23.85 -13.28
C GLU C 13 12.55 23.94 -12.98
N PHE C 14 12.92 24.06 -11.70
CA PHE C 14 14.33 24.27 -11.40
C PHE C 14 15.12 23.12 -12.01
N LEU C 15 14.70 21.88 -11.70
CA LEU C 15 15.33 20.67 -12.19
C LEU C 15 15.25 20.58 -13.70
N LYS C 16 14.09 20.91 -14.27
CA LYS C 16 13.90 20.87 -15.71
C LYS C 16 14.92 21.77 -16.42
N GLU C 17 15.11 22.99 -15.91
CA GLU C 17 16.08 23.91 -16.51
C GLU C 17 17.49 23.32 -16.52
N VAL C 18 17.87 22.64 -15.44
CA VAL C 18 19.21 22.06 -15.37
C VAL C 18 19.37 20.98 -16.45
N ARG C 19 18.36 20.14 -16.61
CA ARG C 19 18.39 19.12 -17.65
C ARG C 19 18.45 19.75 -19.04
N GLU C 20 17.71 20.82 -19.26
CA GLU C 20 17.69 21.46 -20.57
C GLU C 20 18.96 22.25 -20.85
N SER C 21 19.72 22.61 -19.82
CA SER C 21 21.03 23.21 -19.98
C SER C 21 22.14 22.18 -20.03
N PHE C 22 21.81 20.90 -19.82
CA PHE C 22 22.79 19.81 -19.81
C PHE C 22 23.01 19.36 -21.24
N ASP C 23 23.78 20.17 -21.97
CA ASP C 23 24.01 19.94 -23.40
C ASP C 23 24.89 18.70 -23.58
N ILE C 24 24.32 17.62 -24.11
CA ILE C 24 25.09 16.40 -24.31
C ILE C 24 25.91 16.48 -25.60
N GLN C 25 25.28 16.93 -26.70
CA GLN C 25 25.95 16.90 -28.00
C GLN C 25 27.20 17.77 -28.00
N GLN C 26 27.14 18.93 -27.35
CA GLN C 26 28.30 19.81 -27.27
C GLN C 26 29.53 19.07 -26.74
N ASP C 27 29.38 18.36 -25.62
CA ASP C 27 30.52 17.66 -25.04
C ASP C 27 30.91 16.44 -25.87
N VAL C 28 29.94 15.76 -26.47
CA VAL C 28 30.28 14.62 -27.34
C VAL C 28 31.05 15.12 -28.55
N ASP C 29 30.57 16.21 -29.16
CA ASP C 29 31.29 16.80 -30.29
C ASP C 29 32.70 17.19 -29.91
N ALA C 30 32.87 17.79 -28.72
CA ALA C 30 34.20 18.09 -28.23
C ALA C 30 35.07 16.84 -28.21
N MET C 31 34.51 15.72 -27.74
CA MET C 31 35.29 14.49 -27.67
C MET C 31 35.72 14.02 -29.06
N LYS C 32 34.84 14.21 -30.05
CA LYS C 32 35.17 13.86 -31.43
C LYS C 32 36.36 14.67 -31.93
N ARG C 33 36.36 15.98 -31.64
CA ARG C 33 37.45 16.85 -32.04
C ARG C 33 38.75 16.48 -31.32
N ILE C 34 38.65 16.13 -30.03
CA ILE C 34 39.84 15.71 -29.29
C ILE C 34 40.40 14.43 -29.90
N ARG C 35 39.53 13.45 -30.18
CA ARG C 35 40.00 12.23 -30.83
C ARG C 35 40.60 12.54 -32.19
N HIS C 36 39.97 13.47 -32.93
CA HIS C 36 40.52 13.88 -34.21
C HIS C 36 41.91 14.49 -34.05
N ASP C 37 42.07 15.37 -33.06
CA ASP C 37 43.36 16.01 -32.83
C ASP C 37 44.43 14.98 -32.48
N LEU C 38 44.06 13.96 -31.71
CA LEU C 38 45.02 12.90 -31.39
C LEU C 38 45.46 12.17 -32.65
N ASP C 39 44.52 11.86 -33.54
CA ASP C 39 44.89 11.24 -34.81
C ASP C 39 45.82 12.13 -35.61
N VAL C 40 45.56 13.44 -35.61
CA VAL C 40 46.40 14.38 -36.35
C VAL C 40 47.80 14.39 -35.77
N ILE C 41 47.91 14.45 -34.44
CA ILE C 41 49.23 14.43 -33.81
C ILE C 41 49.94 13.12 -34.13
N LYS C 42 49.22 12.00 -34.03
CA LYS C 42 49.83 10.70 -34.30
C LYS C 42 50.32 10.62 -35.75
N GLU C 43 49.45 10.95 -36.71
CA GLU C 43 49.80 10.75 -38.11
C GLU C 43 50.88 11.73 -38.56
N GLU C 44 50.85 12.97 -38.07
CA GLU C 44 51.83 13.96 -38.49
C GLU C 44 53.12 13.90 -37.70
N SER C 45 53.16 13.14 -36.61
CA SER C 45 54.41 12.89 -35.88
C SER C 45 55.10 11.61 -36.30
N GLU C 46 54.40 10.73 -37.04
CA GLU C 46 54.89 9.37 -37.23
C GLU C 46 56.24 9.35 -37.93
N ALA C 47 56.33 10.02 -39.09
CA ALA C 47 57.54 9.92 -39.90
C ALA C 47 58.76 10.48 -39.16
N ARG C 48 58.60 11.63 -38.50
CA ARG C 48 59.70 12.17 -37.72
C ARG C 48 60.08 11.22 -36.58
N LEU C 49 59.08 10.64 -35.91
CA LEU C 49 59.35 9.82 -34.73
C LEU C 49 60.13 8.56 -35.06
N LYS C 50 59.97 8.03 -36.28
CA LYS C 50 60.73 6.86 -36.68
C LYS C 50 62.17 7.22 -37.04
N LEU C 51 62.38 8.39 -37.63
CA LEU C 51 63.74 8.86 -37.87
C LEU C 51 64.49 9.01 -36.55
N TYR C 52 63.84 9.62 -35.56
CA TYR C 52 64.44 9.66 -34.23
C TYR C 52 64.53 8.27 -33.62
N ARG C 53 63.65 7.36 -34.02
CA ARG C 53 63.72 5.99 -33.50
C ARG C 53 64.90 5.23 -34.09
N SER C 54 65.19 5.44 -35.38
CA SER C 54 66.33 4.76 -36.00
C SER C 54 67.66 5.22 -35.42
N LEU C 55 67.68 6.36 -34.74
CA LEU C 55 68.88 6.78 -34.02
C LEU C 55 69.19 5.88 -32.83
N GLY C 56 68.24 5.06 -32.42
CA GLY C 56 68.38 4.24 -31.23
C GLY C 56 67.86 4.90 -29.96
N VAL C 57 67.55 6.19 -30.00
CA VAL C 57 67.03 6.89 -28.83
C VAL C 57 65.56 6.51 -28.70
N ILE C 58 65.29 5.55 -27.80
CA ILE C 58 63.93 5.11 -27.48
C ILE C 58 63.51 5.78 -26.19
N LEU C 59 62.22 6.07 -26.05
CA LEU C 59 61.76 6.88 -24.93
C LEU C 59 60.67 6.20 -24.11
N ASP C 60 60.92 6.13 -22.81
CA ASP C 60 59.97 5.72 -21.78
C ASP C 60 59.52 6.99 -21.07
N LEU C 61 58.25 7.35 -21.20
CA LEU C 61 57.67 8.31 -20.29
C LEU C 61 56.81 7.65 -19.22
N GLU C 62 56.62 6.33 -19.32
CA GLU C 62 56.02 5.60 -18.22
C GLU C 62 56.89 5.70 -16.97
N ASN C 63 58.21 5.73 -17.13
CA ASN C 63 59.14 5.67 -16.01
C ASN C 63 60.25 6.69 -16.13
N ASP C 64 59.97 7.92 -16.59
CA ASP C 64 60.79 9.07 -16.20
C ASP C 64 62.25 8.98 -16.62
N GLN C 65 62.57 8.19 -17.66
CA GLN C 65 63.93 8.03 -18.13
C GLN C 65 63.94 8.04 -19.65
N VAL C 66 65.15 8.16 -20.22
CA VAL C 66 65.38 8.09 -21.66
C VAL C 66 66.39 7.00 -21.94
N LEU C 67 66.11 6.16 -22.93
CA LEU C 67 66.98 5.04 -23.29
C LEU C 67 67.83 5.39 -24.51
N ILE C 68 69.02 4.80 -24.56
CA ILE C 68 69.92 4.89 -25.70
C ILE C 68 70.27 3.48 -26.15
N ASN C 69 70.22 3.25 -27.46
CA ASN C 69 70.38 1.90 -28.02
C ASN C 69 71.32 1.94 -29.22
N ARG C 70 72.48 2.59 -29.07
CA ARG C 70 73.46 2.67 -30.14
C ARG C 70 74.79 2.04 -29.72
N LYS C 71 74.71 0.91 -29.00
CA LYS C 71 75.90 0.12 -28.68
C LYS C 71 75.65 -1.37 -28.82
N ASN C 72 74.59 -1.76 -29.53
CA ASN C 72 74.24 -3.17 -29.77
C ASN C 72 73.97 -3.92 -28.47
N ASP C 73 73.47 -3.21 -27.46
CA ASP C 73 73.08 -3.83 -26.20
C ASP C 73 72.10 -2.92 -25.48
N GLY C 74 71.36 -3.50 -24.54
CA GLY C 74 70.38 -2.74 -23.78
C GLY C 74 70.92 -2.26 -22.45
N ASN C 75 72.25 -2.24 -22.31
CA ASN C 75 72.91 -1.87 -21.07
C ASN C 75 73.34 -0.41 -21.02
N ILE C 76 72.99 0.38 -22.04
CA ILE C 76 73.38 1.78 -22.04
C ILE C 76 72.61 2.53 -20.95
N ASP C 77 73.33 3.37 -20.21
CA ASP C 77 72.75 4.02 -19.03
C ASP C 77 71.67 5.01 -19.43
N ILE C 78 70.63 5.08 -18.59
CA ILE C 78 69.48 5.97 -18.81
C ILE C 78 69.75 7.35 -18.21
N LEU C 79 68.93 8.32 -18.58
CA LEU C 79 69.01 9.68 -18.04
C LEU C 79 67.68 10.13 -17.49
N PRO C 80 67.59 10.47 -16.20
CA PRO C 80 66.37 11.07 -15.66
C PRO C 80 66.14 12.47 -16.20
N LEU C 81 64.89 12.88 -16.19
CA LEU C 81 64.47 14.18 -16.71
C LEU C 81 64.42 15.27 -15.65
N ASP C 82 64.72 14.96 -14.40
CA ASP C 82 64.54 15.90 -13.30
C ASP C 82 65.89 16.27 -12.69
N ASN C 83 66.00 17.53 -12.26
CA ASN C 83 67.19 18.06 -11.59
C ASN C 83 68.43 17.90 -12.46
N ASN C 84 68.40 18.56 -13.61
CA ASN C 84 69.49 18.47 -14.58
C ASN C 84 69.70 19.83 -15.25
N LEU C 85 70.91 20.04 -15.77
CA LEU C 85 71.27 21.32 -16.36
C LEU C 85 70.62 21.51 -17.73
N SER C 86 70.89 20.57 -18.65
CA SER C 86 70.51 20.63 -20.06
C SER C 86 71.24 21.75 -20.79
N ASP C 87 72.09 22.49 -20.09
CA ASP C 87 72.93 23.53 -20.70
C ASP C 87 74.13 22.83 -21.32
N PHE C 88 73.96 22.38 -22.57
CA PHE C 88 74.93 21.51 -23.23
C PHE C 88 75.17 20.24 -22.41
N TYR C 89 74.17 19.82 -21.63
CA TYR C 89 74.34 18.71 -20.70
C TYR C 89 73.54 17.48 -21.13
N LYS C 90 72.22 17.60 -21.27
CA LYS C 90 71.43 16.48 -21.78
C LYS C 90 71.79 16.18 -23.22
N THR C 91 72.05 17.22 -24.01
CA THR C 91 72.38 17.03 -25.41
C THR C 91 73.73 16.33 -25.56
N LYS C 92 74.67 16.65 -24.66
CA LYS C 92 76.02 16.08 -24.73
C LYS C 92 76.01 14.57 -24.49
N TYR C 93 75.26 14.11 -23.48
CA TYR C 93 75.17 12.68 -23.22
C TYR C 93 74.51 11.96 -24.38
N ILE C 94 73.51 12.58 -25.01
CA ILE C 94 72.80 11.98 -26.10
C ILE C 94 73.43 12.37 -27.45
N TRP C 95 74.73 12.70 -27.43
CA TRP C 95 75.53 12.76 -28.63
C TRP C 95 76.89 12.09 -28.49
N GLU C 96 77.42 11.93 -27.29
CA GLU C 96 78.69 11.25 -27.07
C GLU C 96 78.54 9.75 -26.85
N ARG C 97 77.33 9.26 -26.59
CA ARG C 97 77.06 7.84 -26.42
C ARG C 97 76.51 7.22 -27.70
N LEU C 98 76.71 7.88 -28.84
CA LEU C 98 76.01 7.58 -30.07
C LEU C 98 77.01 7.36 -31.20
N GLY C 99 76.96 6.18 -31.82
CA GLY C 99 77.90 5.82 -32.86
C GLY C 99 77.88 6.77 -34.04
N ALA D 2 14.05 4.98 -10.37
CA ALA D 2 14.81 6.22 -10.21
C ALA D 2 14.17 7.12 -9.16
N SER D 3 14.58 6.95 -7.91
CA SER D 3 14.11 7.78 -6.80
C SER D 3 15.21 8.74 -6.39
N ILE D 4 14.82 9.99 -6.13
CA ILE D 4 15.77 11.01 -5.73
C ILE D 4 16.47 10.65 -4.43
N ASP D 5 15.87 9.79 -3.60
CA ASP D 5 16.58 9.29 -2.43
C ASP D 5 17.79 8.45 -2.84
N ALA D 6 17.77 7.87 -4.04
CA ALA D 6 18.87 7.08 -4.56
C ALA D 6 19.88 7.92 -5.33
N PHE D 7 19.85 9.25 -5.17
CA PHE D 7 20.73 10.12 -5.92
C PHE D 7 22.21 9.88 -5.58
N SER D 8 22.50 9.40 -4.37
CA SER D 8 23.87 9.13 -4.00
C SER D 8 24.49 8.02 -4.83
N ASP D 9 23.68 7.12 -5.39
CA ASP D 9 24.21 6.10 -6.28
C ASP D 9 24.73 6.72 -7.57
N LEU D 10 23.91 7.58 -8.20
CA LEU D 10 24.33 8.31 -9.38
C LEU D 10 25.43 9.33 -9.06
N GLU D 11 25.40 9.93 -7.88
CA GLU D 11 26.49 10.83 -7.48
C GLU D 11 27.82 10.10 -7.47
N ARG D 12 27.84 8.85 -6.99
CA ARG D 12 29.06 8.07 -7.00
C ARG D 12 29.55 7.81 -8.42
N ARG D 13 28.62 7.47 -9.33
CA ARG D 13 29.00 7.26 -10.73
C ARG D 13 29.55 8.53 -11.34
N MET D 14 28.97 9.68 -10.99
CA MET D 14 29.44 10.96 -11.52
C MET D 14 30.85 11.26 -11.07
N ASP D 15 31.14 11.08 -9.78
CA ASP D 15 32.49 11.30 -9.28
C ASP D 15 33.49 10.38 -9.97
N GLY D 16 33.08 9.15 -10.30
CA GLY D 16 33.98 8.25 -10.99
C GLY D 16 34.22 8.65 -12.43
N PHE D 17 33.13 8.90 -13.17
CA PHE D 17 33.25 9.30 -14.58
C PHE D 17 33.98 10.62 -14.72
N GLN D 18 33.72 11.56 -13.80
CA GLN D 18 34.42 12.84 -13.81
C GLN D 18 35.93 12.68 -13.77
N LYS D 19 36.41 11.63 -13.08
CA LYS D 19 37.84 11.38 -13.01
C LYS D 19 38.33 10.45 -14.11
N ASP D 20 37.43 9.69 -14.74
CA ASP D 20 37.79 8.96 -15.94
C ASP D 20 38.15 9.92 -17.06
N VAL D 21 37.43 11.04 -17.17
CA VAL D 21 37.78 12.09 -18.12
C VAL D 21 39.20 12.58 -17.88
N ALA D 22 39.56 12.85 -16.62
CA ALA D 22 40.89 13.34 -16.33
C ALA D 22 41.97 12.36 -16.80
N GLN D 23 41.71 11.06 -16.66
CA GLN D 23 42.65 10.05 -17.12
C GLN D 23 42.82 10.09 -18.64
N VAL D 24 41.70 10.14 -19.36
CA VAL D 24 41.75 10.11 -20.82
C VAL D 24 42.42 11.35 -21.36
N LEU D 25 42.24 12.49 -20.68
CA LEU D 25 42.76 13.75 -21.19
C LEU D 25 44.11 14.09 -20.58
N ALA D 26 44.82 13.09 -20.02
CA ALA D 26 46.14 13.31 -19.47
C ALA D 26 47.06 13.87 -20.52
N ARG D 27 47.86 14.88 -20.15
CA ARG D 27 48.37 15.81 -21.14
C ARG D 27 49.40 15.05 -21.96
N GLN D 28 49.01 14.59 -23.15
CA GLN D 28 49.95 13.86 -23.99
C GLN D 28 51.13 14.74 -24.34
N GLN D 29 52.34 14.23 -24.10
CA GLN D 29 53.54 14.98 -24.42
C GLN D 29 53.73 15.05 -25.93
N ASN D 30 54.47 16.06 -26.37
CA ASN D 30 54.65 16.28 -27.81
C ASN D 30 55.42 15.14 -28.46
N HIS D 31 56.46 14.63 -27.78
CA HIS D 31 57.31 13.54 -28.26
C HIS D 31 58.21 13.99 -29.40
N VAL D 32 57.98 15.19 -29.93
CA VAL D 32 58.80 15.77 -30.97
C VAL D 32 59.43 17.08 -30.53
N ALA D 33 58.67 17.92 -29.84
CA ALA D 33 59.27 19.08 -29.18
C ALA D 33 60.31 18.64 -28.16
N LEU D 34 60.04 17.52 -27.48
CA LEU D 34 61.00 16.99 -26.51
C LEU D 34 62.27 16.51 -27.20
N TYR D 35 62.13 15.72 -28.27
CA TYR D 35 63.31 15.22 -28.97
C TYR D 35 64.12 16.36 -29.55
N GLU D 36 63.45 17.37 -30.10
CA GLU D 36 64.17 18.55 -30.59
C GLU D 36 64.79 19.32 -29.43
N ARG D 37 64.09 19.40 -28.29
CA ARG D 37 64.66 20.04 -27.11
C ARG D 37 65.88 19.29 -26.60
N LEU D 38 65.79 17.95 -26.54
CA LEU D 38 66.90 17.16 -26.05
C LEU D 38 68.08 17.20 -27.01
N LEU D 39 67.83 16.98 -28.30
CA LEU D 39 68.91 16.78 -29.26
C LEU D 39 69.35 18.06 -29.95
N GLN D 40 68.56 19.13 -29.86
CA GLN D 40 68.80 20.35 -30.64
C GLN D 40 68.89 20.02 -32.12
N LEU D 41 68.01 19.12 -32.56
CA LEU D 41 67.96 18.62 -33.92
C LEU D 41 66.53 18.71 -34.43
N ARG D 42 66.34 19.39 -35.56
CA ARG D 42 65.03 19.52 -36.18
C ARG D 42 65.08 18.99 -37.61
N VAL D 43 63.96 18.43 -38.06
CA VAL D 43 63.81 17.95 -39.43
C VAL D 43 62.80 18.87 -40.11
N LEU D 44 63.26 19.60 -41.12
CA LEU D 44 62.46 20.60 -41.82
C LEU D 44 62.57 20.37 -43.32
N PRO D 45 61.60 20.86 -44.09
CA PRO D 45 61.74 20.83 -45.55
C PRO D 45 62.88 21.72 -46.01
N GLY D 46 63.47 21.34 -47.14
CA GLY D 46 64.58 22.10 -47.68
C GLY D 46 64.15 23.43 -48.25
N ALA D 47 65.11 24.35 -48.32
CA ALA D 47 64.85 25.64 -48.95
C ALA D 47 64.56 25.49 -50.43
N SER D 48 65.33 24.64 -51.11
CA SER D 48 65.07 24.28 -52.51
C SER D 48 64.31 22.95 -52.46
N ASP D 49 62.98 23.03 -52.49
CA ASP D 49 62.14 21.90 -52.14
C ASP D 49 62.26 20.72 -53.11
N VAL D 50 63.00 20.88 -54.22
CA VAL D 50 63.38 19.71 -55.01
C VAL D 50 64.25 18.78 -54.17
N HIS D 51 65.21 19.35 -53.43
CA HIS D 51 65.94 18.62 -52.40
C HIS D 51 65.19 18.79 -51.09
N ASP D 52 64.57 17.71 -50.61
CA ASP D 52 63.46 17.84 -49.66
C ASP D 52 63.92 18.11 -48.23
N VAL D 53 64.70 17.22 -47.64
CA VAL D 53 64.86 17.16 -46.19
C VAL D 53 66.11 17.93 -45.76
N ARG D 54 65.95 18.82 -44.78
CA ARG D 54 67.03 19.60 -44.20
C ARG D 54 67.15 19.26 -42.72
N PHE D 55 68.37 19.00 -42.23
CA PHE D 55 68.47 18.63 -40.82
C PHE D 55 69.24 19.75 -40.14
N VAL D 56 68.68 20.29 -39.06
CA VAL D 56 69.20 21.48 -38.41
C VAL D 56 69.69 21.11 -37.02
N PHE D 57 70.90 21.54 -36.68
CA PHE D 57 71.51 21.26 -35.38
C PHE D 57 71.65 22.54 -34.56
N GLY D 58 71.45 22.41 -33.26
CA GLY D 58 71.70 23.49 -32.33
C GLY D 58 70.49 24.37 -32.10
N ASP D 59 70.65 25.31 -31.16
CA ASP D 59 69.56 26.22 -30.82
C ASP D 59 69.34 27.25 -31.92
N ASP D 60 70.41 27.70 -32.57
CA ASP D 60 70.34 28.70 -33.62
C ASP D 60 70.64 28.06 -34.97
N SER D 61 70.71 28.91 -36.00
CA SER D 61 71.01 28.44 -37.35
C SER D 61 72.52 28.30 -37.54
N ARG D 62 73.18 27.56 -36.64
CA ARG D 62 74.62 27.39 -36.77
C ARG D 62 74.97 26.26 -37.74
N CYS D 63 74.27 25.14 -37.66
CA CYS D 63 74.59 23.96 -38.47
C CYS D 63 73.33 23.40 -39.10
N TRP D 64 73.37 23.18 -40.42
CA TRP D 64 72.32 22.43 -41.09
C TRP D 64 72.86 21.89 -42.41
N ILE D 65 72.20 20.85 -42.91
CA ILE D 65 72.57 20.19 -44.16
C ILE D 65 71.32 19.61 -44.78
N GLU D 66 71.28 19.57 -46.11
CA GLU D 66 70.11 19.13 -46.86
C GLU D 66 70.41 17.85 -47.63
N VAL D 67 69.39 17.02 -47.80
CA VAL D 67 69.48 15.74 -48.50
C VAL D 67 68.31 15.61 -49.46
N ALA D 68 68.54 15.01 -50.64
CA ALA D 68 67.50 14.87 -51.65
C ALA D 68 67.11 13.44 -51.94
N MET D 69 68.04 12.61 -52.44
CA MET D 69 67.70 11.32 -53.06
C MET D 69 66.51 11.43 -54.00
N HIS D 70 66.36 12.57 -54.68
CA HIS D 70 65.41 12.71 -55.77
C HIS D 70 66.10 12.78 -57.12
N GLY D 71 67.42 12.99 -57.15
CA GLY D 71 68.18 12.98 -58.38
C GLY D 71 69.57 12.40 -58.13
N ASP D 72 70.57 12.89 -58.86
CA ASP D 72 71.93 12.42 -58.67
C ASP D 72 72.61 13.05 -57.46
N HIS D 73 72.10 14.16 -56.96
CA HIS D 73 72.74 14.91 -55.87
C HIS D 73 72.09 14.51 -54.55
N VAL D 74 72.73 13.57 -53.84
CA VAL D 74 72.22 13.15 -52.54
C VAL D 74 72.39 14.25 -51.51
N ILE D 75 73.56 14.86 -51.46
CA ILE D 75 73.88 15.86 -50.45
C ILE D 75 73.52 17.24 -50.97
N GLY D 76 72.65 17.95 -50.25
CA GLY D 76 72.29 19.32 -50.56
C GLY D 76 73.38 20.28 -50.13
N ASN D 77 73.04 21.43 -49.58
CA ASN D 77 74.10 22.35 -49.20
C ASN D 77 74.30 22.25 -47.69
N SER D 78 75.13 23.14 -47.16
CA SER D 78 75.44 23.17 -45.73
C SER D 78 75.83 24.59 -45.35
N HIS D 79 75.29 25.11 -44.24
CA HIS D 79 75.59 26.49 -43.86
C HIS D 79 77.06 26.69 -43.54
N PRO D 80 77.71 25.93 -42.63
CA PRO D 80 79.17 25.83 -42.68
C PRO D 80 79.61 24.93 -43.74
N ALA D 81 80.25 25.43 -44.81
CA ALA D 81 80.68 24.65 -45.94
C ALA D 81 81.73 23.61 -45.55
N LEU D 82 81.67 22.46 -46.20
CA LEU D 82 82.58 21.35 -45.98
C LEU D 82 83.25 21.03 -47.31
N ASP D 83 84.46 20.47 -47.25
CA ASP D 83 85.14 20.15 -48.49
C ASP D 83 84.41 19.06 -49.26
N PRO D 84 84.74 18.88 -50.55
CA PRO D 84 84.21 17.73 -51.31
C PRO D 84 84.52 16.37 -50.70
N LYS D 85 85.71 16.18 -50.12
CA LYS D 85 86.03 14.88 -49.53
C LYS D 85 85.09 14.54 -48.37
N SER D 86 84.79 15.52 -47.51
CA SER D 86 83.77 15.29 -46.49
C SER D 86 82.40 15.07 -47.10
N ARG D 87 82.12 15.69 -48.25
CA ARG D 87 80.83 15.53 -48.90
C ARG D 87 80.72 14.21 -49.64
N ALA D 88 81.83 13.68 -50.17
CA ALA D 88 81.78 12.36 -50.79
C ALA D 88 81.61 11.26 -49.76
N THR D 89 82.29 11.39 -48.61
CA THR D 89 82.15 10.40 -47.55
C THR D 89 80.72 10.37 -47.02
N LEU D 90 80.10 11.54 -46.87
CA LEU D 90 78.71 11.59 -46.41
C LEU D 90 77.75 11.04 -47.46
N GLU D 91 78.03 11.23 -48.74
CA GLU D 91 77.15 10.71 -49.78
C GLU D 91 77.27 9.19 -49.92
N HIS D 92 78.43 8.62 -49.62
CA HIS D 92 78.52 7.16 -49.63
C HIS D 92 77.84 6.54 -48.40
N VAL D 93 77.89 7.22 -47.26
CA VAL D 93 77.29 6.68 -46.03
C VAL D 93 75.79 6.50 -46.19
N LEU D 94 75.14 7.40 -46.94
CA LEU D 94 73.72 7.26 -47.22
C LEU D 94 73.43 6.27 -48.35
N THR D 95 74.45 5.84 -49.10
CA THR D 95 74.25 4.93 -50.23
C THR D 95 74.89 3.56 -50.01
N VAL D 96 76.18 3.52 -49.66
CA VAL D 96 76.87 2.24 -49.50
C VAL D 96 76.91 1.77 -48.04
N GLN D 97 76.57 2.63 -47.09
CA GLN D 97 76.50 2.24 -45.69
C GLN D 97 75.07 2.14 -45.17
N GLY D 98 74.19 3.06 -45.59
CA GLY D 98 72.79 2.99 -45.26
C GLY D 98 72.46 3.11 -43.79
N ASP D 99 73.07 4.08 -43.11
CA ASP D 99 72.84 4.29 -41.68
C ASP D 99 72.60 5.78 -41.45
N LEU D 100 71.37 6.13 -41.08
CA LEU D 100 71.08 7.53 -40.73
C LEU D 100 71.90 7.97 -39.53
N ALA D 101 71.94 7.15 -38.48
CA ALA D 101 72.63 7.55 -37.25
C ALA D 101 74.11 7.82 -37.51
N ALA D 102 74.76 6.97 -38.30
CA ALA D 102 76.15 7.23 -38.67
C ALA D 102 76.26 8.54 -39.47
N PHE D 103 75.34 8.76 -40.41
CA PHE D 103 75.34 9.99 -41.18
C PHE D 103 75.08 11.20 -40.28
N LEU D 104 74.26 11.04 -39.24
CA LEU D 104 73.90 12.16 -38.40
C LEU D 104 75.03 12.57 -37.46
N VAL D 105 75.71 11.59 -36.85
CA VAL D 105 76.78 11.92 -35.90
C VAL D 105 77.95 12.58 -36.63
N VAL D 106 78.25 12.11 -37.84
CA VAL D 106 79.39 12.62 -38.58
C VAL D 106 79.12 14.04 -39.06
N ALA D 107 77.91 14.29 -39.57
CA ALA D 107 77.59 15.62 -40.10
C ALA D 107 77.66 16.69 -39.03
N ARG D 108 77.14 16.41 -37.84
CA ARG D 108 77.14 17.43 -36.79
C ARG D 108 78.54 17.68 -36.24
N ASP D 109 79.39 16.66 -36.20
CA ASP D 109 80.76 16.86 -35.72
C ASP D 109 81.53 17.78 -36.65
N MET D 110 81.42 17.54 -37.96
CA MET D 110 82.04 18.45 -38.94
C MET D 110 81.48 19.85 -38.82
N LEU D 111 80.16 19.96 -38.64
CA LEU D 111 79.51 21.25 -38.68
C LEU D 111 79.76 22.05 -37.41
N LEU D 112 79.65 21.40 -36.25
CA LEU D 112 79.78 22.08 -34.97
C LEU D 112 81.19 22.62 -34.78
N ALA D 113 82.21 21.89 -35.23
CA ALA D 113 83.58 22.37 -35.16
C ALA D 113 83.83 23.51 -36.12
N SER D 114 83.04 23.62 -37.19
CA SER D 114 83.21 24.71 -38.16
C SER D 114 82.31 25.89 -37.81
N ARG E 6 17.40 34.36 5.59
CA ARG E 6 17.71 35.59 4.88
C ARG E 6 18.56 35.34 3.64
N ALA E 7 19.74 34.74 3.85
CA ALA E 7 20.72 34.54 2.77
C ALA E 7 20.51 33.18 2.13
N ALA E 8 19.43 33.06 1.38
CA ALA E 8 19.14 31.89 0.55
C ALA E 8 19.45 32.16 -0.92
N ALA E 9 20.50 32.94 -1.19
CA ALA E 9 20.95 33.28 -2.54
C ALA E 9 21.65 32.13 -3.24
N VAL E 10 21.61 30.93 -2.65
CA VAL E 10 22.12 29.73 -3.31
C VAL E 10 21.39 29.51 -4.63
N THR E 11 20.11 29.87 -4.68
CA THR E 11 19.34 29.74 -5.92
C THR E 11 19.92 30.60 -7.03
N SER E 12 20.31 31.84 -6.71
CA SER E 12 20.99 32.67 -7.71
C SER E 12 22.33 32.08 -8.10
N THR E 13 23.06 31.52 -7.13
CA THR E 13 24.33 30.89 -7.43
C THR E 13 24.16 29.72 -8.38
N LEU E 14 23.11 28.91 -8.16
CA LEU E 14 22.86 27.78 -9.05
C LEU E 14 22.30 28.25 -10.39
N LYS E 15 21.41 29.25 -10.38
CA LYS E 15 20.89 29.78 -11.63
C LYS E 15 21.96 30.50 -12.45
N ALA E 16 23.02 30.99 -11.79
CA ALA E 16 24.15 31.53 -12.53
C ALA E 16 24.85 30.44 -13.35
N ARG E 17 24.96 29.23 -12.79
CA ARG E 17 25.57 28.11 -13.51
C ARG E 17 24.71 27.70 -14.70
N ILE E 18 23.40 27.57 -14.48
CA ILE E 18 22.49 27.25 -15.57
C ILE E 18 22.63 28.27 -16.70
N GLU E 19 22.80 29.56 -16.37
CA GLU E 19 22.79 30.58 -17.39
C GLU E 19 24.10 30.56 -18.13
N LYS E 20 25.19 30.19 -17.43
CA LYS E 20 26.48 30.00 -18.06
C LYS E 20 26.43 28.85 -19.08
N LYS E 22 23.84 27.59 -20.64
CA LYS E 22 23.02 27.99 -21.78
C LYS E 22 23.79 28.93 -22.70
N ALA E 23 24.56 29.86 -22.13
CA ALA E 23 25.34 30.79 -22.94
C ALA E 23 26.42 30.06 -23.73
N LYS E 24 27.00 29.00 -23.15
CA LYS E 24 27.99 28.21 -23.89
C LYS E 24 27.33 27.40 -25.01
N SER E 25 26.08 26.94 -24.80
CA SER E 25 25.43 26.14 -25.84
C SER E 25 25.03 27.00 -27.03
N ARG E 26 24.59 28.23 -26.79
CA ARG E 26 24.12 29.11 -27.84
C ARG E 26 25.23 29.91 -28.51
N ARG E 27 26.47 29.81 -28.00
CA ARG E 27 27.54 30.65 -28.50
C ARG E 27 27.88 30.29 -29.95
N GLU E 28 28.13 31.33 -30.74
CA GLU E 28 28.66 31.19 -32.09
C GLU E 28 30.08 31.70 -32.07
N GLY E 29 31.02 30.88 -32.56
CA GLY E 29 32.42 31.23 -32.38
C GLY E 29 32.85 32.50 -33.08
N THR E 30 32.90 32.48 -34.41
CA THR E 30 33.34 33.64 -35.18
C THR E 30 32.31 34.75 -35.12
N THR E 31 32.78 35.98 -34.92
CA THR E 31 31.91 37.15 -34.93
C THR E 31 32.66 38.33 -35.52
N ARG E 32 31.98 39.10 -36.37
CA ARG E 32 32.57 40.25 -37.03
C ARG E 32 31.53 41.36 -37.18
N THR E 33 31.87 42.55 -36.71
CA THR E 33 31.01 43.74 -36.82
C THR E 33 29.59 43.48 -36.30
#